data_9U80
#
_entry.id   9U80
#
_cell.length_a   1.00
_cell.length_b   1.00
_cell.length_c   1.00
_cell.angle_alpha   90.00
_cell.angle_beta   90.00
_cell.angle_gamma   90.00
#
_symmetry.space_group_name_H-M   'P 1'
#
loop_
_entity.id
_entity.type
_entity.pdbx_description
1 polymer 'anti-BRIL Fab heavy chain'
2 polymer 'anti-BRIL Fab light chain'
3 polymer 'Vasopressin V2 receptor,Soluble cytochrome b562'
4 non-polymer Conivaptan
#
loop_
_entity_poly.entity_id
_entity_poly.type
_entity_poly.pdbx_seq_one_letter_code
_entity_poly.pdbx_strand_id
1 'polypeptide(L)'
;EISEVQLVESGGGLVQPGGSLRLSCAASGFNVVDFSLHWVRQAPGKGLEWVAYISSSSGSTSYADSVKGRFTISADTSKN
TAYLQMNSLRAEDTAVYYCARWGYWPGEPWWKAFDYWGQGTLVTVSSASTKGPSVFPLAPSSKSTSGGTAALGCLVKDYF
PEPVTVSWNSGALTSGVHTFPAVLQSSGLYSLSSVVTVPSSSLGTQTYICNVNHKPSNTKVDKKVEPKS
;
H
2 'polypeptide(L)'
;SDIQMTQSPSSLSASVGDRVTITCRASQSVSSAVAWYQQKPGKAPKLLIYSASSLYSGVPSRFSGSRSGTDFTLTISSLQ
PEDFATYYCQQYLYYSLVTFGQGTKVEIKRTVAAPSVFIFPPSDSQLKSGTASVVCLLNNFYPREAKVQWKVDNALQSGN
SQESVTEQDSKDSTYSLSSTLTLSKADYEKHKVYACEVTHQGLSSPVTKSFNRGEC
;
L
3 'polypeptide(L)'
;MLMASTTSAVPGHPSLPSLPSNSSQERPLDTRDPLLARAELALLSIVFVAVALSNGLVLAALARRGRRGHWAPIHVFIGH
LCLADLAVALFQVLPQLAWKATDRFRGPDALCRAVKYLQMVGMYASSYMILAMTLDRHRAICRPMLAYRHGSGAHWNRPV
LVAWAFSLLLSLPQLFIFAQRNVEGGSGVTDCWACFAEPWGRRTYVTWIALMVFVAPTLGIAACQVLIFREIHAARRQLA
DLEDNWETLNDNLKVIEKADNAAQVKDALTKMRAAALDAQKATPPKLEDKSPDSPEMKDFRHGFDILVGQIDDALKLANE
GKVKEAQAAAEQLKTTRNAYIQKYLERARSTLAAVAKTVRMTLVIVVVYVLCWAPFFLVQLWAAWDPEAPLEGAPFVLLM
LLASLNSCTNPWIYASFSSSVSSELRSLLCCARGRTPPSLGPQDESCTTASSSLAKDTSS
;
R
#
# COMPACT_ATOMS: atom_id res chain seq x y z
N GLU A 4 15.30 16.94 -23.83
CA GLU A 4 14.35 16.34 -22.85
C GLU A 4 13.92 14.96 -23.33
N VAL A 5 13.78 14.02 -22.39
CA VAL A 5 13.44 12.65 -22.74
C VAL A 5 12.17 12.62 -23.57
N GLN A 6 12.16 11.78 -24.61
CA GLN A 6 10.96 11.61 -25.42
C GLN A 6 11.08 10.38 -26.33
N LEU A 7 10.05 9.54 -26.34
CA LEU A 7 9.93 8.44 -27.27
C LEU A 7 8.95 8.84 -28.36
N VAL A 8 9.30 8.55 -29.62
CA VAL A 8 8.46 8.88 -30.76
C VAL A 8 8.25 7.62 -31.58
N GLU A 9 6.99 7.23 -31.76
CA GLU A 9 6.65 6.04 -32.52
C GLU A 9 6.30 6.40 -33.95
N SER A 10 6.60 5.50 -34.88
CA SER A 10 6.29 5.70 -36.28
C SER A 10 6.15 4.34 -36.95
N GLY A 11 5.54 4.33 -38.13
CA GLY A 11 5.36 3.13 -38.91
C GLY A 11 3.98 2.53 -38.85
N GLY A 12 3.14 2.97 -37.92
CA GLY A 12 1.80 2.44 -37.85
C GLY A 12 0.95 2.88 -39.03
N GLY A 13 0.00 2.02 -39.40
CA GLY A 13 -0.84 2.31 -40.54
C GLY A 13 -1.76 1.14 -40.85
N LEU A 14 -2.19 1.08 -42.11
CA LEU A 14 -3.11 0.05 -42.58
C LEU A 14 -2.34 -1.04 -43.30
N VAL A 15 -2.49 -2.28 -42.85
CA VAL A 15 -1.90 -3.44 -43.51
C VAL A 15 -2.92 -4.56 -43.51
N GLN A 16 -3.06 -5.23 -44.65
CA GLN A 16 -4.05 -6.28 -44.78
C GLN A 16 -3.69 -7.45 -43.85
N PRO A 17 -4.68 -8.21 -43.40
CA PRO A 17 -4.38 -9.36 -42.53
C PRO A 17 -3.44 -10.34 -43.22
N GLY A 18 -2.50 -10.87 -42.43
CA GLY A 18 -1.45 -11.72 -42.96
C GLY A 18 -0.27 -10.97 -43.54
N GLY A 19 -0.26 -9.64 -43.45
CA GLY A 19 0.81 -8.84 -43.99
C GLY A 19 1.94 -8.66 -43.01
N SER A 20 2.80 -7.68 -43.31
CA SER A 20 3.96 -7.37 -42.49
C SER A 20 4.03 -5.87 -42.25
N LEU A 21 4.51 -5.50 -41.06
CA LEU A 21 4.62 -4.10 -40.69
C LEU A 21 5.86 -3.92 -39.82
N ARG A 22 6.34 -2.69 -39.76
CA ARG A 22 7.52 -2.34 -38.97
C ARG A 22 7.22 -1.08 -38.17
N LEU A 23 7.38 -1.16 -36.85
CA LEU A 23 7.19 -0.01 -35.95
C LEU A 23 8.54 0.42 -35.42
N SER A 24 8.84 1.71 -35.54
CA SER A 24 10.10 2.27 -35.10
C SER A 24 9.86 3.24 -33.95
N CYS A 25 10.57 3.02 -32.84
CA CYS A 25 10.50 3.88 -31.66
C CYS A 25 11.84 4.58 -31.52
N ALA A 26 11.86 5.89 -31.71
CA ALA A 26 13.07 6.69 -31.64
C ALA A 26 13.12 7.40 -30.30
N ALA A 27 14.29 7.35 -29.65
CA ALA A 27 14.49 7.92 -28.33
C ALA A 27 15.35 9.17 -28.44
N SER A 28 14.93 10.23 -27.75
CA SER A 28 15.70 11.46 -27.65
C SER A 28 15.86 11.82 -26.19
N GLY A 29 17.04 12.34 -25.84
CA GLY A 29 17.34 12.68 -24.47
C GLY A 29 17.94 11.56 -23.65
N PHE A 30 18.13 10.38 -24.23
CA PHE A 30 18.78 9.28 -23.54
C PHE A 30 19.22 8.25 -24.58
N ASN A 31 20.16 7.39 -24.17
CA ASN A 31 20.68 6.35 -25.04
C ASN A 31 19.98 5.03 -24.74
N VAL A 32 19.62 4.30 -25.80
CA VAL A 32 18.91 3.04 -25.63
C VAL A 32 19.78 2.00 -24.94
N VAL A 33 21.10 2.20 -24.92
CA VAL A 33 21.98 1.23 -24.27
C VAL A 33 21.73 1.21 -22.77
N ASP A 34 21.43 2.38 -22.19
CA ASP A 34 21.23 2.47 -20.75
C ASP A 34 19.82 2.07 -20.31
N PHE A 35 18.90 1.84 -21.25
CA PHE A 35 17.52 1.54 -20.92
C PHE A 35 17.01 0.40 -21.79
N SER A 36 16.09 -0.38 -21.23
CA SER A 36 15.39 -1.41 -21.97
C SER A 36 14.12 -0.83 -22.56
N LEU A 37 13.87 -1.10 -23.83
CA LEU A 37 12.75 -0.51 -24.55
C LEU A 37 11.66 -1.57 -24.70
N HIS A 38 10.48 -1.29 -24.16
CA HIS A 38 9.36 -2.20 -24.19
C HIS A 38 8.30 -1.68 -25.15
N TRP A 39 7.57 -2.60 -25.76
CA TRP A 39 6.44 -2.29 -26.62
C TRP A 39 5.19 -2.82 -25.95
N VAL A 40 4.25 -1.92 -25.66
CA VAL A 40 3.02 -2.23 -24.96
C VAL A 40 1.86 -1.77 -25.85
N ARG A 41 0.93 -2.67 -26.13
CA ARG A 41 -0.18 -2.36 -27.03
C ARG A 41 -1.49 -2.32 -26.25
N GLN A 42 -2.36 -1.39 -26.64
CA GLN A 42 -3.69 -1.25 -26.07
C GLN A 42 -4.70 -1.41 -27.20
N ALA A 43 -5.61 -2.39 -27.04
CA ALA A 43 -6.62 -2.61 -28.05
C ALA A 43 -7.71 -1.54 -27.93
N PRO A 44 -8.42 -1.25 -29.02
CA PRO A 44 -9.46 -0.21 -28.97
C PRO A 44 -10.47 -0.45 -27.85
N GLY A 45 -10.58 0.51 -26.93
CA GLY A 45 -11.51 0.36 -25.82
C GLY A 45 -11.20 -0.82 -24.94
N LYS A 46 -9.93 -1.04 -24.62
CA LYS A 46 -9.53 -2.17 -23.80
C LYS A 46 -8.27 -1.80 -23.04
N GLY A 47 -7.96 -2.60 -22.02
CA GLY A 47 -6.82 -2.32 -21.18
C GLY A 47 -5.49 -2.55 -21.87
N LEU A 48 -4.43 -2.09 -21.22
CA LEU A 48 -3.09 -2.26 -21.75
C LEU A 48 -2.63 -3.70 -21.59
N GLU A 49 -1.75 -4.12 -22.49
CA GLU A 49 -1.11 -5.43 -22.37
C GLU A 49 0.27 -5.34 -22.99
N TRP A 50 1.23 -6.03 -22.38
CA TRP A 50 2.61 -5.97 -22.79
C TRP A 50 2.86 -6.88 -23.99
N VAL A 51 3.50 -6.33 -25.02
CA VAL A 51 3.73 -7.06 -26.26
C VAL A 51 5.13 -7.65 -26.26
N ALA A 52 6.16 -6.81 -26.16
CA ALA A 52 7.52 -7.30 -26.31
C ALA A 52 8.49 -6.35 -25.61
N TYR A 53 9.78 -6.69 -25.64
CA TYR A 53 10.79 -5.81 -25.09
C TYR A 53 12.16 -6.19 -25.67
N ILE A 54 13.09 -5.24 -25.59
CA ILE A 54 14.46 -5.43 -26.05
C ILE A 54 15.40 -4.76 -25.05
N SER A 55 16.46 -5.47 -24.69
CA SER A 55 17.57 -4.93 -23.92
C SER A 55 18.78 -4.87 -24.85
N SER A 56 19.20 -3.65 -25.22
CA SER A 56 20.26 -3.51 -26.21
C SER A 56 21.61 -3.94 -25.65
N SER A 57 21.85 -3.73 -24.35
CA SER A 57 23.15 -4.09 -23.78
C SER A 57 23.40 -5.59 -23.87
N SER A 58 22.39 -6.40 -23.57
CA SER A 58 22.54 -7.84 -23.52
C SER A 58 21.90 -8.56 -24.71
N GLY A 59 21.21 -7.83 -25.59
CA GLY A 59 20.50 -8.46 -26.68
C GLY A 59 19.50 -9.50 -26.23
N SER A 60 18.80 -9.22 -25.12
CA SER A 60 17.88 -10.19 -24.52
C SER A 60 16.45 -9.82 -24.89
N THR A 61 16.02 -10.29 -26.06
CA THR A 61 14.66 -10.06 -26.50
C THR A 61 13.69 -10.93 -25.70
N SER A 62 12.41 -10.61 -25.83
CA SER A 62 11.35 -11.41 -25.25
C SER A 62 10.03 -11.01 -25.91
N TYR A 63 9.05 -11.89 -25.81
CA TYR A 63 7.76 -11.67 -26.45
C TYR A 63 6.66 -12.26 -25.58
N ALA A 64 5.44 -11.78 -25.79
CA ALA A 64 4.29 -12.33 -25.11
C ALA A 64 3.88 -13.65 -25.76
N ASP A 65 3.10 -14.43 -25.02
CA ASP A 65 2.67 -15.74 -25.53
C ASP A 65 1.81 -15.62 -26.78
N SER A 66 1.15 -14.48 -26.98
CA SER A 66 0.26 -14.29 -28.11
C SER A 66 0.92 -13.65 -29.32
N VAL A 67 2.22 -13.35 -29.24
CA VAL A 67 2.93 -12.74 -30.37
C VAL A 67 4.23 -13.49 -30.63
N LYS A 68 4.56 -14.44 -29.76
CA LYS A 68 5.82 -15.17 -29.91
C LYS A 68 5.86 -15.92 -31.22
N GLY A 69 6.98 -15.79 -31.94
CA GLY A 69 7.18 -16.44 -33.21
C GLY A 69 6.78 -15.63 -34.42
N ARG A 70 5.96 -14.59 -34.23
CA ARG A 70 5.55 -13.72 -35.33
C ARG A 70 6.14 -12.32 -35.22
N PHE A 71 6.45 -11.85 -34.02
CA PHE A 71 7.02 -10.53 -33.80
C PHE A 71 8.52 -10.67 -33.59
N THR A 72 9.27 -9.68 -34.07
CA THR A 72 10.71 -9.65 -33.94
C THR A 72 11.14 -8.28 -33.47
N ILE A 73 11.70 -8.20 -32.27
CA ILE A 73 12.13 -6.95 -31.67
C ILE A 73 13.65 -6.84 -31.81
N SER A 74 14.11 -5.72 -32.36
CA SER A 74 15.53 -5.45 -32.52
C SER A 74 15.79 -4.01 -32.13
N ALA A 75 17.07 -3.66 -31.97
CA ALA A 75 17.46 -2.31 -31.62
C ALA A 75 18.71 -1.92 -32.39
N ASP A 76 18.80 -0.64 -32.74
CA ASP A 76 19.97 -0.07 -33.41
C ASP A 76 20.44 1.11 -32.57
N THR A 77 21.61 0.96 -31.95
CA THR A 77 22.14 2.04 -31.12
C THR A 77 22.73 3.16 -31.95
N SER A 78 23.21 2.86 -33.17
CA SER A 78 23.72 3.92 -34.03
C SER A 78 22.63 4.94 -34.35
N LYS A 79 21.44 4.46 -34.68
CA LYS A 79 20.28 5.32 -34.87
C LYS A 79 19.49 5.56 -33.60
N ASN A 80 19.85 4.86 -32.51
CA ASN A 80 19.18 5.04 -31.22
C ASN A 80 17.68 4.79 -31.33
N THR A 81 17.33 3.70 -32.00
CA THR A 81 15.93 3.35 -32.23
C THR A 81 15.72 1.88 -31.93
N ALA A 82 14.45 1.53 -31.72
CA ALA A 82 14.02 0.15 -31.52
C ALA A 82 12.97 -0.20 -32.56
N TYR A 83 13.15 -1.32 -33.24
CA TYR A 83 12.25 -1.76 -34.29
C TYR A 83 11.47 -2.99 -33.82
N LEU A 84 10.20 -3.04 -34.22
CA LEU A 84 9.34 -4.20 -33.99
C LEU A 84 8.76 -4.59 -35.34
N GLN A 85 9.17 -5.75 -35.84
CA GLN A 85 8.67 -6.28 -37.11
C GLN A 85 7.57 -7.28 -36.79
N MET A 86 6.35 -6.99 -37.26
CA MET A 86 5.20 -7.83 -37.02
C MET A 86 4.81 -8.51 -38.33
N ASN A 87 4.80 -9.83 -38.33
CA ASN A 87 4.45 -10.63 -39.49
C ASN A 87 3.28 -11.55 -39.16
N SER A 88 2.61 -12.04 -40.20
CA SER A 88 1.47 -12.92 -40.05
C SER A 88 0.43 -12.29 -39.13
N LEU A 89 0.09 -11.04 -39.43
CA LEU A 89 -0.83 -10.29 -38.59
C LEU A 89 -2.22 -10.93 -38.62
N ARG A 90 -2.98 -10.72 -37.56
CA ARG A 90 -4.31 -11.29 -37.40
C ARG A 90 -5.27 -10.18 -37.00
N ALA A 91 -6.56 -10.52 -36.90
CA ALA A 91 -7.58 -9.50 -36.69
C ALA A 91 -7.37 -8.76 -35.38
N GLU A 92 -7.02 -9.47 -34.31
CA GLU A 92 -6.92 -8.86 -33.00
C GLU A 92 -5.59 -8.15 -32.77
N ASP A 93 -4.71 -8.08 -33.78
CA ASP A 93 -3.48 -7.34 -33.64
C ASP A 93 -3.68 -5.84 -33.77
N THR A 94 -4.88 -5.39 -34.18
CA THR A 94 -5.15 -3.97 -34.28
C THR A 94 -5.13 -3.33 -32.90
N ALA A 95 -4.36 -2.25 -32.76
CA ALA A 95 -4.21 -1.59 -31.47
C ALA A 95 -3.33 -0.35 -31.56
N VAL A 96 -3.23 0.39 -30.47
CA VAL A 96 -2.29 1.49 -30.35
C VAL A 96 -1.06 0.97 -29.60
N TYR A 97 0.09 1.03 -30.25
CA TYR A 97 1.33 0.52 -29.71
C TYR A 97 2.16 1.68 -29.17
N TYR A 98 2.44 1.65 -27.87
CA TYR A 98 3.30 2.61 -27.21
C TYR A 98 4.66 1.99 -26.95
N CYS A 99 5.69 2.84 -26.98
CA CYS A 99 7.06 2.45 -26.68
C CYS A 99 7.44 3.05 -25.33
N ALA A 100 7.65 2.19 -24.35
CA ALA A 100 8.00 2.59 -23.00
C ALA A 100 9.46 2.29 -22.72
N ARG A 101 9.97 2.91 -21.66
CA ARG A 101 11.38 2.88 -21.31
C ARG A 101 11.52 2.46 -19.87
N TRP A 102 12.38 1.48 -19.61
CA TRP A 102 12.53 0.89 -18.29
C TRP A 102 14.01 0.78 -17.94
N GLY A 103 14.38 1.27 -16.76
CA GLY A 103 15.77 1.29 -16.35
C GLY A 103 16.37 -0.09 -16.18
N TYR A 104 17.54 -0.17 -15.56
CA TYR A 104 18.23 -1.44 -15.34
C TYR A 104 18.31 -1.71 -13.84
N TRP A 105 18.44 -3.00 -13.50
CA TRP A 105 18.17 -3.43 -12.14
C TRP A 105 19.00 -2.71 -11.09
N PRO A 106 20.34 -2.66 -11.18
CA PRO A 106 21.16 -2.34 -10.00
C PRO A 106 20.61 -1.25 -9.09
N GLY A 107 20.08 -0.16 -9.66
CA GLY A 107 19.66 0.97 -8.85
C GLY A 107 18.19 1.30 -8.90
N GLU A 108 17.89 2.60 -8.81
CA GLU A 108 16.53 3.13 -8.80
C GLU A 108 15.89 3.11 -10.18
N PRO A 109 16.63 3.35 -11.26
CA PRO A 109 15.99 3.31 -12.59
C PRO A 109 15.10 2.10 -12.82
N TRP A 110 15.42 0.97 -12.18
CA TRP A 110 14.54 -0.19 -12.28
C TRP A 110 13.24 0.03 -11.52
N TRP A 111 13.33 0.52 -10.28
CA TRP A 111 12.13 0.68 -9.47
C TRP A 111 11.18 1.70 -10.07
N LYS A 112 11.64 2.55 -10.98
CA LYS A 112 10.76 3.39 -11.78
C LYS A 112 10.31 2.57 -12.98
N ALA A 113 9.06 2.14 -12.96
CA ALA A 113 8.50 1.33 -14.04
C ALA A 113 8.38 2.25 -15.26
N PHE A 114 7.70 1.77 -16.30
CA PHE A 114 7.57 2.58 -17.50
C PHE A 114 7.23 4.01 -17.09
N ASP A 115 8.14 4.94 -17.34
CA ASP A 115 8.00 6.30 -16.87
C ASP A 115 8.08 7.33 -17.97
N TYR A 116 8.52 6.95 -19.17
CA TYR A 116 8.49 7.84 -20.33
C TYR A 116 7.94 7.03 -21.50
N TRP A 117 6.62 7.05 -21.64
CA TRP A 117 5.96 6.38 -22.75
C TRP A 117 6.09 7.24 -24.01
N GLY A 118 5.67 6.66 -25.13
CA GLY A 118 5.63 7.37 -26.40
C GLY A 118 4.23 7.85 -26.72
N GLN A 119 4.12 8.52 -27.87
CA GLN A 119 2.83 9.02 -28.32
C GLN A 119 1.88 7.88 -28.65
N GLY A 120 2.40 6.78 -29.17
CA GLY A 120 1.57 5.65 -29.54
C GLY A 120 1.18 5.70 -31.01
N THR A 121 1.35 4.60 -31.72
CA THR A 121 1.00 4.52 -33.14
C THR A 121 -0.13 3.50 -33.32
N LEU A 122 -1.15 3.88 -34.06
CA LEU A 122 -2.33 3.04 -34.25
C LEU A 122 -2.14 2.19 -35.50
N VAL A 123 -2.32 0.87 -35.35
CA VAL A 123 -2.27 -0.07 -36.47
C VAL A 123 -3.61 -0.80 -36.52
N THR A 124 -4.19 -0.85 -37.72
CA THR A 124 -5.43 -1.55 -37.96
C THR A 124 -5.23 -2.57 -39.06
N VAL A 125 -5.80 -3.76 -38.88
CA VAL A 125 -5.70 -4.85 -39.83
C VAL A 125 -7.12 -5.29 -40.18
N SER A 126 -7.48 -5.20 -41.46
CA SER A 126 -8.80 -5.60 -41.90
C SER A 126 -8.76 -5.87 -43.40
N SER A 127 -9.64 -6.77 -43.85
CA SER A 127 -9.74 -7.09 -45.26
C SER A 127 -10.43 -5.99 -46.05
N ALA A 128 -11.16 -5.09 -45.39
CA ALA A 128 -11.91 -4.06 -46.09
C ALA A 128 -10.97 -3.09 -46.77
N SER A 129 -11.43 -2.56 -47.91
CA SER A 129 -10.70 -1.56 -48.67
C SER A 129 -11.32 -0.18 -48.45
N THR A 130 -10.49 0.85 -48.56
CA THR A 130 -10.95 2.21 -48.32
C THR A 130 -12.10 2.54 -49.28
N LYS A 131 -13.17 3.12 -48.73
CA LYS A 131 -14.32 3.51 -49.53
C LYS A 131 -15.01 4.69 -48.85
N GLY A 132 -15.77 5.44 -49.64
CA GLY A 132 -16.45 6.61 -49.16
C GLY A 132 -17.66 6.28 -48.32
N PRO A 133 -18.17 7.25 -47.58
CA PRO A 133 -19.34 7.02 -46.74
C PRO A 133 -20.65 7.15 -47.53
N SER A 134 -21.72 6.69 -46.89
CA SER A 134 -23.08 6.91 -47.38
C SER A 134 -23.88 7.53 -46.25
N VAL A 135 -24.49 8.69 -46.51
CA VAL A 135 -25.18 9.46 -45.48
C VAL A 135 -26.67 9.47 -45.80
N PHE A 136 -27.48 9.27 -44.77
CA PHE A 136 -28.93 9.24 -44.90
C PHE A 136 -29.57 10.07 -43.79
N PRO A 137 -30.76 10.61 -44.02
CA PRO A 137 -31.38 11.48 -43.03
C PRO A 137 -32.09 10.70 -41.93
N LEU A 138 -32.28 11.37 -40.80
CA LEU A 138 -33.01 10.86 -39.64
C LEU A 138 -34.07 11.87 -39.22
N ALA A 139 -34.84 12.34 -40.19
CA ALA A 139 -35.79 13.42 -39.93
C ALA A 139 -36.79 12.99 -38.86
N PRO A 140 -37.15 13.87 -37.94
CA PRO A 140 -38.15 13.51 -36.93
C PRO A 140 -39.56 13.62 -37.48
N SER A 141 -40.52 13.18 -36.67
CA SER A 141 -41.94 13.28 -36.99
C SER A 141 -42.57 14.36 -36.13
N SER A 142 -43.30 15.27 -36.77
CA SER A 142 -43.96 16.34 -36.03
C SER A 142 -44.94 15.79 -35.01
N LYS A 143 -45.55 14.63 -35.29
CA LYS A 143 -46.47 14.02 -34.35
C LYS A 143 -45.75 13.64 -33.06
N SER A 144 -44.56 13.05 -33.17
CA SER A 144 -43.82 12.66 -31.98
C SER A 144 -43.41 13.89 -31.18
N THR A 145 -43.64 13.83 -29.87
CA THR A 145 -43.33 14.94 -28.97
C THR A 145 -43.90 16.25 -29.49
N SER A 146 -45.23 16.29 -29.58
CA SER A 146 -45.94 17.44 -30.13
C SER A 146 -45.83 18.59 -29.14
N GLY A 147 -44.89 19.51 -29.40
CA GLY A 147 -44.67 20.64 -28.54
C GLY A 147 -43.51 20.41 -27.58
N GLY A 148 -42.35 20.97 -27.89
CA GLY A 148 -41.19 20.83 -27.04
C GLY A 148 -39.93 20.47 -27.80
N THR A 149 -39.11 19.60 -27.22
CA THR A 149 -37.84 19.24 -27.82
C THR A 149 -38.05 18.34 -29.04
N ALA A 150 -37.15 18.49 -30.01
CA ALA A 150 -37.15 17.65 -31.20
C ALA A 150 -35.70 17.26 -31.51
N ALA A 151 -35.54 16.17 -32.26
CA ALA A 151 -34.23 15.67 -32.64
C ALA A 151 -34.10 15.61 -34.15
N LEU A 152 -32.91 15.97 -34.65
CA LEU A 152 -32.63 16.00 -36.07
C LEU A 152 -31.25 15.40 -36.29
N GLY A 153 -31.16 14.34 -37.09
CA GLY A 153 -29.92 13.61 -37.20
C GLY A 153 -29.62 13.18 -38.62
N CYS A 154 -28.37 12.75 -38.82
CA CYS A 154 -27.93 12.12 -40.05
C CYS A 154 -27.05 10.92 -39.69
N LEU A 155 -27.23 9.82 -40.42
CA LEU A 155 -26.52 8.57 -40.17
C LEU A 155 -25.58 8.31 -41.34
N VAL A 156 -24.29 8.15 -41.05
CA VAL A 156 -23.28 7.84 -42.05
C VAL A 156 -22.84 6.41 -41.82
N LYS A 157 -22.67 5.66 -42.91
CA LYS A 157 -22.33 4.25 -42.78
C LYS A 157 -21.57 3.79 -44.02
N ASP A 158 -20.86 2.67 -43.86
CA ASP A 158 -20.11 2.04 -44.95
C ASP A 158 -18.91 2.89 -45.35
N TYR A 159 -18.16 3.36 -44.36
CA TYR A 159 -16.88 4.03 -44.58
C TYR A 159 -15.83 3.32 -43.76
N PHE A 160 -14.78 2.82 -44.42
CA PHE A 160 -13.82 1.97 -43.71
C PHE A 160 -12.89 2.79 -42.82
N PRO A 161 -12.09 3.71 -43.36
CA PRO A 161 -11.21 4.50 -42.50
C PRO A 161 -12.01 5.35 -41.53
N GLU A 162 -11.50 5.45 -40.30
CA GLU A 162 -12.23 6.05 -39.18
C GLU A 162 -12.37 7.57 -39.30
N PRO A 163 -11.38 8.31 -39.84
CA PRO A 163 -11.46 9.78 -39.81
C PRO A 163 -12.51 10.38 -40.73
N VAL A 164 -13.76 10.42 -40.27
CA VAL A 164 -14.84 11.14 -40.93
C VAL A 164 -15.44 12.10 -39.93
N THR A 165 -15.68 13.34 -40.36
CA THR A 165 -16.18 14.38 -39.46
C THR A 165 -17.51 14.92 -39.94
N VAL A 166 -18.30 15.40 -38.97
CA VAL A 166 -19.67 15.85 -39.17
C VAL A 166 -19.82 17.25 -38.59
N SER A 167 -20.66 18.05 -39.24
CA SER A 167 -20.96 19.39 -38.76
C SER A 167 -22.39 19.75 -39.16
N TRP A 168 -22.92 20.77 -38.50
CA TRP A 168 -24.28 21.24 -38.74
C TRP A 168 -24.23 22.70 -39.19
N ASN A 169 -24.89 22.99 -40.31
CA ASN A 169 -24.90 24.33 -40.88
C ASN A 169 -23.48 24.84 -41.10
N SER A 170 -22.63 23.98 -41.65
CA SER A 170 -21.22 24.32 -41.94
C SER A 170 -20.52 24.84 -40.68
N GLY A 171 -20.77 24.18 -39.55
CA GLY A 171 -20.12 24.50 -38.30
C GLY A 171 -20.78 25.59 -37.49
N ALA A 172 -21.82 26.24 -38.03
CA ALA A 172 -22.49 27.30 -37.28
C ALA A 172 -23.16 26.74 -36.03
N LEU A 173 -23.78 25.57 -36.14
CA LEU A 173 -24.47 24.94 -35.01
C LEU A 173 -23.52 23.95 -34.35
N THR A 174 -23.22 24.19 -33.07
CA THR A 174 -22.36 23.30 -32.29
C THR A 174 -22.90 23.03 -30.90
N SER A 175 -24.03 23.61 -30.53
CA SER A 175 -24.64 23.39 -29.23
C SER A 175 -25.72 22.33 -29.35
N GLY A 176 -25.68 21.35 -28.45
CA GLY A 176 -26.64 20.27 -28.48
C GLY A 176 -26.41 19.23 -29.54
N VAL A 177 -25.19 19.12 -30.06
CA VAL A 177 -24.85 18.17 -31.10
C VAL A 177 -24.13 16.99 -30.45
N HIS A 178 -24.68 15.78 -30.64
CA HIS A 178 -24.06 14.55 -30.18
C HIS A 178 -23.64 13.73 -31.39
N THR A 179 -22.37 13.38 -31.46
CA THR A 179 -21.85 12.49 -32.49
C THR A 179 -21.24 11.28 -31.78
N PHE A 180 -21.88 10.12 -31.96
CA PHE A 180 -21.51 8.95 -31.19
C PHE A 180 -20.28 8.27 -31.77
N PRO A 181 -19.51 7.56 -30.95
CA PRO A 181 -18.31 6.88 -31.47
C PRO A 181 -18.69 5.88 -32.56
N ALA A 182 -17.82 5.79 -33.57
CA ALA A 182 -18.03 4.83 -34.64
C ALA A 182 -17.95 3.41 -34.11
N VAL A 183 -18.82 2.54 -34.63
CA VAL A 183 -18.88 1.14 -34.23
C VAL A 183 -18.57 0.28 -35.45
N LEU A 184 -17.64 -0.65 -35.29
CA LEU A 184 -17.23 -1.53 -36.39
C LEU A 184 -18.35 -2.53 -36.68
N GLN A 185 -18.99 -2.38 -37.84
CA GLN A 185 -20.05 -3.29 -38.23
C GLN A 185 -19.48 -4.68 -38.54
N SER A 186 -20.37 -5.66 -38.58
CA SER A 186 -19.95 -7.03 -38.88
C SER A 186 -19.38 -7.15 -40.27
N SER A 187 -19.70 -6.23 -41.17
CA SER A 187 -19.20 -6.28 -42.54
C SER A 187 -17.78 -5.73 -42.68
N GLY A 188 -17.25 -5.09 -41.64
CA GLY A 188 -15.92 -4.51 -41.67
C GLY A 188 -15.88 -3.01 -41.85
N LEU A 189 -16.98 -2.39 -42.25
CA LEU A 189 -17.05 -0.95 -42.39
C LEU A 189 -17.49 -0.33 -41.06
N TYR A 190 -17.80 0.96 -41.05
CA TYR A 190 -18.14 1.68 -39.84
C TYR A 190 -19.48 2.38 -40.01
N SER A 191 -20.15 2.61 -38.88
CA SER A 191 -21.40 3.35 -38.83
C SER A 191 -21.30 4.37 -37.70
N LEU A 192 -21.94 5.53 -37.92
CA LEU A 192 -21.88 6.62 -36.95
C LEU A 192 -23.06 7.55 -37.21
N SER A 193 -23.77 7.90 -36.15
CA SER A 193 -24.94 8.78 -36.24
C SER A 193 -24.66 10.08 -35.51
N SER A 194 -25.08 11.20 -36.10
CA SER A 194 -25.01 12.50 -35.47
C SER A 194 -26.41 13.02 -35.28
N VAL A 195 -26.67 13.62 -34.11
CA VAL A 195 -27.99 14.13 -33.77
C VAL A 195 -27.84 15.52 -33.15
N VAL A 196 -28.91 16.30 -33.25
CA VAL A 196 -28.95 17.65 -32.73
C VAL A 196 -30.33 17.90 -32.12
N THR A 197 -30.36 18.62 -31.01
CA THR A 197 -31.58 18.94 -30.29
C THR A 197 -32.06 20.32 -30.72
N VAL A 198 -33.35 20.43 -31.03
CA VAL A 198 -33.94 21.67 -31.53
C VAL A 198 -35.15 22.01 -30.67
N PRO A 199 -35.46 23.30 -30.45
CA PRO A 199 -36.60 23.63 -29.59
C PRO A 199 -37.95 23.47 -30.28
N SER A 200 -39.01 23.90 -29.60
CA SER A 200 -40.36 23.81 -30.12
C SER A 200 -40.62 24.98 -31.08
N SER A 201 -41.90 25.20 -31.41
CA SER A 201 -42.32 26.27 -32.30
C SER A 201 -41.75 26.06 -33.70
N SER A 202 -42.15 24.93 -34.30
CA SER A 202 -41.80 24.61 -35.69
C SER A 202 -40.29 24.51 -35.87
N LEU A 203 -39.62 23.88 -34.90
CA LEU A 203 -38.18 23.66 -34.94
C LEU A 203 -37.38 24.97 -34.92
N GLY A 204 -38.02 26.06 -34.50
CA GLY A 204 -37.37 27.35 -34.50
C GLY A 204 -37.25 28.01 -35.86
N THR A 205 -37.90 27.47 -36.89
CA THR A 205 -37.85 28.03 -38.23
C THR A 205 -36.41 28.07 -38.74
N GLN A 206 -35.81 26.88 -38.83
CA GLN A 206 -34.41 26.76 -39.18
C GLN A 206 -34.21 25.42 -39.87
N THR A 207 -33.68 25.44 -41.09
CA THR A 207 -33.47 24.24 -41.89
C THR A 207 -32.04 23.75 -41.71
N TYR A 208 -31.89 22.57 -41.09
CA TYR A 208 -30.58 22.04 -40.72
C TYR A 208 -30.06 21.13 -41.82
N ILE A 209 -28.79 21.32 -42.19
CA ILE A 209 -28.11 20.51 -43.19
C ILE A 209 -26.92 19.84 -42.52
N CYS A 210 -26.83 18.52 -42.68
CA CYS A 210 -25.74 17.73 -42.10
C CYS A 210 -24.61 17.66 -43.12
N ASN A 211 -23.46 18.25 -42.78
CA ASN A 211 -22.30 18.27 -43.65
C ASN A 211 -21.29 17.24 -43.15
N VAL A 212 -20.99 16.26 -44.00
CA VAL A 212 -20.06 15.18 -43.69
C VAL A 212 -18.86 15.32 -44.61
N ASN A 213 -17.66 15.17 -44.05
CA ASN A 213 -16.46 15.13 -44.87
C ASN A 213 -15.61 13.94 -44.47
N HIS A 214 -14.91 13.39 -45.46
CA HIS A 214 -14.12 12.18 -45.30
C HIS A 214 -12.83 12.36 -46.09
N LYS A 215 -11.72 12.56 -45.40
CA LYS A 215 -10.46 12.90 -46.07
C LYS A 215 -9.81 11.67 -46.71
N PRO A 216 -9.80 10.51 -46.04
CA PRO A 216 -9.24 9.31 -46.70
C PRO A 216 -9.88 9.02 -48.04
N SER A 217 -11.19 9.22 -48.18
CA SER A 217 -11.87 9.03 -49.44
C SER A 217 -12.04 10.32 -50.22
N ASN A 218 -11.68 11.47 -49.65
CA ASN A 218 -11.84 12.76 -50.29
C ASN A 218 -13.27 12.95 -50.78
N THR A 219 -14.20 12.94 -49.83
CA THR A 219 -15.62 13.03 -50.12
C THR A 219 -16.28 14.05 -49.21
N LYS A 220 -17.29 14.73 -49.76
CA LYS A 220 -18.10 15.67 -49.00
C LYS A 220 -19.56 15.46 -49.35
N VAL A 221 -20.42 15.55 -48.33
CA VAL A 221 -21.87 15.43 -48.49
C VAL A 221 -22.52 16.55 -47.69
N ASP A 222 -23.62 17.09 -48.23
CA ASP A 222 -24.34 18.22 -47.65
C ASP A 222 -25.81 17.87 -47.46
N LYS A 223 -26.06 16.73 -46.82
CA LYS A 223 -27.41 16.17 -46.81
C LYS A 223 -28.40 17.14 -46.19
N LYS A 224 -29.52 17.35 -46.88
CA LYS A 224 -30.59 18.24 -46.41
C LYS A 224 -31.69 17.40 -45.76
N VAL A 225 -32.08 17.79 -44.55
CA VAL A 225 -33.08 17.08 -43.77
C VAL A 225 -34.29 17.99 -43.60
N GLU A 226 -35.48 17.44 -43.84
CA GLU A 226 -36.72 18.18 -43.68
C GLU A 226 -37.68 17.39 -42.82
N PRO A 227 -38.59 18.06 -42.11
CA PRO A 227 -39.54 17.35 -41.26
C PRO A 227 -40.56 16.58 -42.08
N LYS A 228 -41.13 15.55 -41.45
CA LYS A 228 -42.15 14.73 -42.07
C LYS A 228 -43.53 15.09 -41.55
N ASP B 2 2.77 -15.35 -15.95
CA ASP B 2 1.28 -15.41 -15.90
C ASP B 2 0.78 -15.05 -14.51
N ILE B 3 0.98 -13.79 -14.11
CA ILE B 3 0.55 -13.29 -12.82
C ILE B 3 -0.66 -12.39 -13.06
N GLN B 4 -1.81 -12.82 -12.58
CA GLN B 4 -3.03 -12.02 -12.74
C GLN B 4 -2.96 -10.78 -11.86
N MET B 5 -3.58 -9.71 -12.32
CA MET B 5 -3.56 -8.41 -11.66
C MET B 5 -4.96 -7.81 -11.60
N THR B 6 -5.93 -8.61 -11.14
CA THR B 6 -7.33 -8.20 -11.17
C THR B 6 -7.53 -6.88 -10.44
N GLN B 7 -8.27 -5.98 -11.07
CA GLN B 7 -8.60 -4.67 -10.51
C GLN B 7 -10.11 -4.63 -10.28
N SER B 8 -10.53 -4.69 -9.01
CA SER B 8 -11.93 -4.94 -8.70
C SER B 8 -12.86 -3.83 -9.18
N PRO B 9 -12.59 -2.54 -8.92
CA PRO B 9 -13.56 -1.50 -9.30
C PRO B 9 -13.56 -1.23 -10.79
N SER B 10 -14.33 -2.00 -11.56
CA SER B 10 -14.34 -1.83 -13.01
C SER B 10 -14.64 -0.38 -13.39
N SER B 11 -15.51 0.28 -12.63
CA SER B 11 -15.79 1.69 -12.84
C SER B 11 -16.17 2.31 -11.51
N LEU B 12 -16.03 3.63 -11.43
CA LEU B 12 -16.27 4.33 -10.17
C LEU B 12 -16.75 5.75 -10.48
N SER B 13 -17.79 6.17 -9.78
CA SER B 13 -18.35 7.51 -9.92
C SER B 13 -18.08 8.30 -8.65
N ALA B 14 -17.64 9.54 -8.81
CA ALA B 14 -17.27 10.38 -7.67
C ALA B 14 -17.47 11.84 -8.05
N SER B 15 -17.44 12.70 -7.03
CA SER B 15 -17.61 14.13 -7.19
C SER B 15 -16.38 14.86 -6.66
N VAL B 16 -16.17 16.08 -7.17
CA VAL B 16 -15.01 16.85 -6.78
C VAL B 16 -14.96 16.98 -5.27
N GLY B 17 -13.76 16.80 -4.70
CA GLY B 17 -13.59 16.82 -3.27
C GLY B 17 -13.93 15.53 -2.57
N ASP B 18 -14.09 14.44 -3.31
CA ASP B 18 -14.48 13.15 -2.76
C ASP B 18 -13.28 12.21 -2.78
N ARG B 19 -13.07 11.47 -1.68
CA ARG B 19 -12.02 10.48 -1.63
C ARG B 19 -12.40 9.27 -2.46
N VAL B 20 -11.50 8.82 -3.32
CA VAL B 20 -11.74 7.67 -4.20
C VAL B 20 -10.61 6.68 -4.02
N THR B 21 -10.95 5.41 -3.87
CA THR B 21 -9.98 4.34 -3.67
C THR B 21 -10.15 3.28 -4.74
N ILE B 22 -9.03 2.80 -5.27
CA ILE B 22 -8.99 1.73 -6.26
C ILE B 22 -8.05 0.65 -5.75
N THR B 23 -8.43 -0.60 -5.96
CA THR B 23 -7.69 -1.74 -5.40
C THR B 23 -7.20 -2.65 -6.52
N CYS B 24 -6.13 -3.38 -6.20
CA CYS B 24 -5.51 -4.32 -7.13
C CYS B 24 -4.99 -5.51 -6.34
N ARG B 25 -5.15 -6.70 -6.91
CA ARG B 25 -4.71 -7.94 -6.27
C ARG B 25 -3.90 -8.75 -7.27
N ALA B 26 -2.80 -9.34 -6.80
CA ALA B 26 -1.89 -10.09 -7.66
C ALA B 26 -1.99 -11.58 -7.35
N SER B 27 -1.85 -12.40 -8.40
CA SER B 27 -1.96 -13.84 -8.23
C SER B 27 -0.86 -14.38 -7.32
N GLN B 28 0.39 -14.05 -7.63
CA GLN B 28 1.52 -14.44 -6.79
C GLN B 28 1.82 -13.32 -5.80
N SER B 29 2.92 -13.47 -5.07
CA SER B 29 3.40 -12.43 -4.17
C SER B 29 4.55 -11.71 -4.84
N VAL B 30 4.20 -10.77 -5.71
CA VAL B 30 5.21 -9.84 -6.20
C VAL B 30 5.63 -8.92 -5.06
N SER B 31 6.80 -8.33 -5.21
CA SER B 31 7.33 -7.43 -4.20
C SER B 31 6.61 -6.09 -4.35
N SER B 32 7.15 -5.04 -3.75
CA SER B 32 6.57 -3.71 -3.91
C SER B 32 6.64 -3.23 -5.35
N ALA B 33 7.09 -4.11 -6.28
CA ALA B 33 7.14 -3.81 -7.70
C ALA B 33 5.71 -3.77 -8.25
N VAL B 34 5.06 -2.64 -8.04
CA VAL B 34 3.74 -2.38 -8.61
C VAL B 34 3.61 -0.88 -8.82
N ALA B 35 3.10 -0.49 -9.99
CA ALA B 35 3.00 0.90 -10.37
C ALA B 35 1.56 1.23 -10.73
N TRP B 36 1.22 2.51 -10.60
CA TRP B 36 -0.11 3.01 -10.90
C TRP B 36 0.00 4.12 -11.94
N TYR B 37 -0.72 3.96 -13.05
CA TYR B 37 -0.71 4.88 -14.17
C TYR B 37 -2.08 5.49 -14.36
N GLN B 38 -2.11 6.68 -14.96
CA GLN B 38 -3.33 7.38 -15.31
C GLN B 38 -3.32 7.68 -16.80
N GLN B 39 -4.39 7.28 -17.49
CA GLN B 39 -4.54 7.51 -18.92
C GLN B 39 -5.83 8.28 -19.18
N LYS B 40 -5.72 9.34 -19.96
CA LYS B 40 -6.85 10.12 -20.44
C LYS B 40 -7.14 9.79 -21.89
N PRO B 41 -8.36 10.03 -22.36
CA PRO B 41 -8.71 9.62 -23.73
C PRO B 41 -7.75 10.14 -24.78
N GLY B 42 -7.14 9.23 -25.53
CA GLY B 42 -6.24 9.62 -26.62
C GLY B 42 -4.87 10.06 -26.18
N LYS B 43 -4.42 9.70 -24.99
CA LYS B 43 -3.09 10.04 -24.50
C LYS B 43 -2.44 8.81 -23.90
N ALA B 44 -1.11 8.78 -23.95
CA ALA B 44 -0.38 7.68 -23.36
C ALA B 44 -0.46 7.74 -21.84
N PRO B 45 -0.36 6.60 -21.15
CA PRO B 45 -0.44 6.62 -19.69
C PRO B 45 0.59 7.56 -19.09
N LYS B 46 0.40 7.83 -17.80
CA LYS B 46 1.26 8.75 -17.06
C LYS B 46 1.58 8.11 -15.72
N LEU B 47 2.86 7.86 -15.47
CA LEU B 47 3.27 7.16 -14.25
C LEU B 47 2.95 8.02 -13.04
N LEU B 48 1.89 7.65 -12.31
CA LEU B 48 1.57 8.32 -11.06
C LEU B 48 2.44 7.80 -9.92
N ILE B 49 2.32 6.50 -9.63
CA ILE B 49 3.05 5.87 -8.54
C ILE B 49 4.02 4.87 -9.14
N TYR B 50 5.31 5.02 -8.84
CA TYR B 50 6.34 4.21 -9.49
C TYR B 50 6.83 3.06 -8.64
N SER B 51 6.44 3.00 -7.36
CA SER B 51 6.64 1.79 -6.57
C SER B 51 5.30 1.41 -5.96
N ALA B 52 5.28 0.45 -5.04
CA ALA B 52 4.03 0.13 -4.36
C ALA B 52 3.42 1.39 -3.76
N SER B 53 4.24 2.18 -3.05
CA SER B 53 3.82 3.48 -2.52
C SER B 53 5.02 4.43 -2.63
N SER B 54 5.08 5.16 -3.74
CA SER B 54 6.12 6.17 -3.94
C SER B 54 5.65 7.12 -5.02
N LEU B 55 5.35 8.36 -4.65
CA LEU B 55 4.87 9.33 -5.62
C LEU B 55 5.95 9.65 -6.64
N TYR B 56 5.54 9.81 -7.90
CA TYR B 56 6.47 10.18 -8.95
C TYR B 56 6.88 11.65 -8.76
N SER B 57 7.83 12.10 -9.57
CA SER B 57 8.38 13.44 -9.40
C SER B 57 7.31 14.51 -9.57
N GLY B 58 6.58 14.47 -10.68
CA GLY B 58 5.71 15.57 -11.04
C GLY B 58 4.23 15.36 -10.79
N VAL B 59 3.89 14.41 -9.91
CA VAL B 59 2.48 14.09 -9.66
C VAL B 59 1.99 14.88 -8.46
N PRO B 60 0.73 15.33 -8.46
CA PRO B 60 0.19 15.98 -7.25
C PRO B 60 0.21 15.06 -6.05
N SER B 61 0.43 15.64 -4.88
CA SER B 61 0.60 14.85 -3.66
C SER B 61 -0.70 14.22 -3.17
N ARG B 62 -1.85 14.58 -3.74
CA ARG B 62 -3.10 13.98 -3.30
C ARG B 62 -3.12 12.49 -3.58
N PHE B 63 -2.60 12.08 -4.74
CA PHE B 63 -2.47 10.66 -5.04
C PHE B 63 -1.58 10.00 -3.99
N SER B 64 -1.98 8.80 -3.56
CA SER B 64 -1.19 8.07 -2.59
C SER B 64 -1.39 6.57 -2.79
N GLY B 65 -0.28 5.84 -2.95
CA GLY B 65 -0.32 4.41 -3.06
C GLY B 65 -0.03 3.74 -1.73
N SER B 66 -0.50 2.49 -1.61
CA SER B 66 -0.27 1.72 -0.40
C SER B 66 -0.27 0.24 -0.74
N ARG B 67 0.40 -0.54 0.11
CA ARG B 67 0.51 -1.98 -0.07
C ARG B 67 0.23 -2.68 1.25
N SER B 68 -0.38 -3.86 1.15
CA SER B 68 -0.57 -4.73 2.29
C SER B 68 -0.53 -6.17 1.77
N GLY B 69 0.57 -6.87 2.04
CA GLY B 69 0.73 -8.21 1.53
C GLY B 69 0.72 -8.24 0.01
N THR B 70 -0.36 -8.77 -0.55
CA THR B 70 -0.53 -8.86 -2.00
C THR B 70 -1.64 -7.95 -2.52
N ASP B 71 -2.11 -6.99 -1.71
CA ASP B 71 -3.17 -6.08 -2.11
C ASP B 71 -2.61 -4.67 -2.16
N PHE B 72 -2.76 -4.01 -3.31
CA PHE B 72 -2.28 -2.66 -3.52
C PHE B 72 -3.47 -1.72 -3.70
N THR B 73 -3.30 -0.46 -3.31
CA THR B 73 -4.38 0.50 -3.35
C THR B 73 -3.87 1.86 -3.77
N LEU B 74 -4.65 2.54 -4.61
CA LEU B 74 -4.41 3.93 -4.99
C LEU B 74 -5.56 4.77 -4.48
N THR B 75 -5.24 5.84 -3.77
CA THR B 75 -6.23 6.71 -3.17
C THR B 75 -6.02 8.15 -3.61
N ILE B 76 -7.11 8.82 -3.95
CA ILE B 76 -7.12 10.25 -4.24
C ILE B 76 -8.00 10.91 -3.20
N SER B 77 -7.43 11.86 -2.45
CA SER B 77 -8.15 12.49 -1.35
C SER B 77 -9.14 13.53 -1.88
N SER B 78 -8.63 14.56 -2.54
CA SER B 78 -9.45 15.65 -3.08
C SER B 78 -9.50 15.49 -4.59
N LEU B 79 -10.50 14.76 -5.07
CA LEU B 79 -10.68 14.56 -6.50
C LEU B 79 -10.88 15.90 -7.21
N GLN B 80 -9.91 16.30 -8.02
CA GLN B 80 -10.01 17.54 -8.79
C GLN B 80 -10.74 17.29 -10.10
N PRO B 81 -11.18 18.36 -10.77
CA PRO B 81 -11.89 18.16 -12.05
C PRO B 81 -11.05 17.49 -13.13
N GLU B 82 -9.73 17.52 -13.01
CA GLU B 82 -8.85 16.88 -13.99
C GLU B 82 -8.31 15.53 -13.52
N ASP B 83 -8.90 14.96 -12.48
CA ASP B 83 -8.56 13.61 -12.03
C ASP B 83 -9.47 12.55 -12.64
N PHE B 84 -10.33 12.94 -13.58
CA PHE B 84 -11.23 11.99 -14.24
C PHE B 84 -10.51 11.35 -15.40
N ALA B 85 -10.16 10.07 -15.26
CA ALA B 85 -9.39 9.35 -16.26
C ALA B 85 -9.31 7.90 -15.83
N THR B 86 -8.93 7.04 -16.77
CA THR B 86 -8.75 5.62 -16.46
C THR B 86 -7.47 5.43 -15.66
N TYR B 87 -7.50 4.49 -14.72
CA TYR B 87 -6.36 4.22 -13.85
C TYR B 87 -5.99 2.75 -13.97
N TYR B 88 -4.71 2.49 -14.25
CA TYR B 88 -4.22 1.14 -14.48
C TYR B 88 -3.20 0.76 -13.42
N CYS B 89 -3.18 -0.52 -13.07
CA CYS B 89 -2.31 -1.07 -12.05
C CYS B 89 -1.43 -2.12 -12.71
N GLN B 90 -0.12 -1.92 -12.68
CA GLN B 90 0.85 -2.77 -13.34
C GLN B 90 1.71 -3.46 -12.29
N GLN B 91 2.03 -4.72 -12.53
CA GLN B 91 3.07 -5.43 -11.79
C GLN B 91 4.21 -5.71 -12.75
N TYR B 92 5.42 -5.33 -12.34
CA TYR B 92 6.61 -5.32 -13.19
C TYR B 92 7.76 -6.05 -12.51
N LEU B 93 7.49 -7.27 -12.03
CA LEU B 93 8.49 -8.01 -11.28
C LEU B 93 9.74 -8.27 -12.12
N TYR B 94 9.57 -8.62 -13.40
CA TYR B 94 10.69 -8.89 -14.26
C TYR B 94 10.36 -8.37 -15.66
N TYR B 95 11.40 -8.23 -16.49
CA TYR B 95 11.24 -7.57 -17.78
C TYR B 95 10.20 -8.27 -18.66
N SER B 96 10.07 -9.59 -18.54
CA SER B 96 9.16 -10.36 -19.36
C SER B 96 7.92 -10.82 -18.59
N LEU B 97 7.65 -10.20 -17.44
CA LEU B 97 6.57 -10.62 -16.56
C LEU B 97 5.67 -9.45 -16.20
N VAL B 98 5.62 -8.42 -17.03
CA VAL B 98 4.86 -7.22 -16.71
C VAL B 98 3.42 -7.43 -17.13
N THR B 99 2.49 -7.17 -16.20
CA THR B 99 1.07 -7.35 -16.48
C THR B 99 0.28 -6.18 -15.90
N PHE B 100 -0.66 -5.68 -16.68
CA PHE B 100 -1.51 -4.55 -16.28
C PHE B 100 -2.85 -5.06 -15.78
N GLY B 101 -3.58 -4.17 -15.10
CA GLY B 101 -4.94 -4.43 -14.70
C GLY B 101 -5.93 -4.06 -15.79
N GLN B 102 -7.20 -4.37 -15.53
CA GLN B 102 -8.23 -4.08 -16.51
C GLN B 102 -8.57 -2.59 -16.55
N GLY B 103 -8.39 -1.89 -15.45
CA GLY B 103 -8.55 -0.46 -15.41
C GLY B 103 -9.89 -0.04 -14.83
N THR B 104 -9.89 1.11 -14.16
CA THR B 104 -11.10 1.69 -13.59
C THR B 104 -11.29 3.09 -14.16
N LYS B 105 -12.48 3.35 -14.70
CA LYS B 105 -12.80 4.63 -15.30
C LYS B 105 -13.51 5.49 -14.26
N VAL B 106 -12.87 6.58 -13.85
CA VAL B 106 -13.45 7.50 -12.89
C VAL B 106 -14.22 8.57 -13.65
N GLU B 107 -15.49 8.75 -13.29
CA GLU B 107 -16.38 9.67 -13.96
C GLU B 107 -16.93 10.68 -12.95
N ILE B 108 -17.65 11.67 -13.47
CA ILE B 108 -18.24 12.72 -12.66
C ILE B 108 -19.60 12.26 -12.17
N LYS B 109 -20.01 12.79 -11.02
CA LYS B 109 -21.30 12.45 -10.42
C LYS B 109 -22.30 13.57 -10.66
N ARG B 110 -23.57 13.19 -10.72
CA ARG B 110 -24.65 14.14 -10.96
C ARG B 110 -25.97 13.41 -10.78
N THR B 111 -26.99 14.16 -10.34
CA THR B 111 -28.26 13.56 -9.98
C THR B 111 -28.88 12.84 -11.18
N VAL B 112 -29.53 11.70 -10.90
CA VAL B 112 -30.12 10.88 -11.96
C VAL B 112 -30.99 11.77 -12.85
N ALA B 113 -30.82 11.61 -14.16
CA ALA B 113 -31.54 12.39 -15.15
C ALA B 113 -32.43 11.48 -15.99
N ALA B 114 -33.55 12.02 -16.43
CA ALA B 114 -34.52 11.25 -17.20
C ALA B 114 -34.05 11.15 -18.66
N PRO B 115 -33.84 9.94 -19.18
CA PRO B 115 -33.51 9.82 -20.61
C PRO B 115 -34.64 10.35 -21.47
N SER B 116 -34.26 11.00 -22.58
CA SER B 116 -35.20 11.38 -23.62
C SER B 116 -35.10 10.34 -24.73
N VAL B 117 -36.20 9.65 -25.00
CA VAL B 117 -36.22 8.52 -25.92
C VAL B 117 -36.90 8.95 -27.21
N PHE B 118 -36.14 8.96 -28.30
CA PHE B 118 -36.64 9.27 -29.62
C PHE B 118 -36.37 8.10 -30.55
N ILE B 119 -37.13 8.02 -31.64
CA ILE B 119 -37.01 6.93 -32.60
C ILE B 119 -37.00 7.49 -34.00
N PHE B 120 -35.99 7.12 -34.78
CA PHE B 120 -35.86 7.51 -36.18
C PHE B 120 -36.04 6.30 -37.06
N PRO B 121 -37.07 6.23 -37.89
CA PRO B 121 -37.23 5.10 -38.79
C PRO B 121 -36.29 5.20 -39.98
N PRO B 122 -36.24 4.18 -40.83
CA PRO B 122 -35.39 4.26 -42.01
C PRO B 122 -35.89 5.31 -42.99
N SER B 123 -34.94 5.86 -43.76
CA SER B 123 -35.26 6.81 -44.82
C SER B 123 -35.39 6.09 -46.14
N ASP B 124 -36.25 6.61 -47.02
CA ASP B 124 -36.42 6.02 -48.33
C ASP B 124 -35.10 5.95 -49.09
N SER B 125 -34.21 6.92 -48.86
CA SER B 125 -32.90 6.88 -49.50
C SER B 125 -32.12 5.63 -49.10
N GLN B 126 -32.17 5.27 -47.82
CA GLN B 126 -31.53 4.02 -47.39
C GLN B 126 -32.23 2.82 -48.01
N LEU B 127 -33.56 2.84 -48.08
CA LEU B 127 -34.30 1.73 -48.68
C LEU B 127 -33.98 1.57 -50.15
N LYS B 128 -33.51 2.63 -50.81
CA LYS B 128 -33.12 2.51 -52.22
C LYS B 128 -32.00 1.49 -52.38
N SER B 129 -31.03 1.50 -51.46
CA SER B 129 -29.91 0.56 -51.52
C SER B 129 -30.29 -0.84 -51.05
N GLY B 130 -31.44 -1.01 -50.41
CA GLY B 130 -31.89 -2.31 -49.97
C GLY B 130 -31.46 -2.66 -48.55
N THR B 131 -31.73 -1.76 -47.61
CA THR B 131 -31.43 -2.01 -46.21
C THR B 131 -32.15 -0.96 -45.38
N ALA B 132 -32.65 -1.36 -44.21
CA ALA B 132 -33.44 -0.50 -43.35
C ALA B 132 -32.88 -0.53 -41.94
N SER B 133 -32.68 0.66 -41.36
CA SER B 133 -32.17 0.80 -40.02
C SER B 133 -33.10 1.67 -39.19
N VAL B 134 -33.36 1.24 -37.95
CA VAL B 134 -34.18 2.00 -37.01
C VAL B 134 -33.28 2.40 -35.85
N VAL B 135 -33.32 3.67 -35.46
CA VAL B 135 -32.40 4.21 -34.46
C VAL B 135 -33.22 4.64 -33.24
N CYS B 136 -32.92 4.04 -32.09
CA CYS B 136 -33.45 4.47 -30.80
C CYS B 136 -32.39 5.32 -30.11
N LEU B 137 -32.77 6.56 -29.78
CA LEU B 137 -31.85 7.54 -29.20
C LEU B 137 -32.29 7.86 -27.78
N LEU B 138 -31.44 7.51 -26.82
CA LEU B 138 -31.57 7.96 -25.44
C LEU B 138 -30.67 9.17 -25.26
N ASN B 139 -31.21 10.23 -24.66
CA ASN B 139 -30.49 11.50 -24.56
C ASN B 139 -30.50 12.00 -23.14
N ASN B 140 -29.38 12.61 -22.71
CA ASN B 140 -29.32 13.36 -21.46
C ASN B 140 -29.79 12.51 -20.27
N PHE B 141 -29.06 11.44 -20.02
CA PHE B 141 -29.28 10.60 -18.84
C PHE B 141 -27.93 10.33 -18.20
N TYR B 142 -27.87 10.46 -16.87
CA TYR B 142 -26.58 10.40 -16.21
C TYR B 142 -26.06 8.98 -16.06
N PRO B 143 -26.80 8.06 -15.45
CA PRO B 143 -26.29 6.69 -15.32
C PRO B 143 -26.08 6.07 -16.69
N ARG B 144 -24.86 5.57 -16.93
CA ARG B 144 -24.57 4.91 -18.19
C ARG B 144 -25.37 3.62 -18.35
N GLU B 145 -25.77 3.00 -17.24
CA GLU B 145 -26.46 1.71 -17.27
C GLU B 145 -27.92 1.96 -17.63
N ALA B 146 -28.20 1.99 -18.93
CA ALA B 146 -29.55 2.10 -19.45
C ALA B 146 -29.80 0.94 -20.41
N LYS B 147 -30.91 0.25 -20.22
CA LYS B 147 -31.24 -0.92 -21.03
C LYS B 147 -32.13 -0.52 -22.19
N VAL B 148 -31.82 -1.04 -23.37
CA VAL B 148 -32.57 -0.75 -24.59
C VAL B 148 -32.84 -2.07 -25.30
N GLN B 149 -34.09 -2.26 -25.72
CA GLN B 149 -34.49 -3.48 -26.40
C GLN B 149 -35.39 -3.14 -27.57
N TRP B 150 -35.45 -4.06 -28.54
CA TRP B 150 -36.21 -3.87 -29.75
C TRP B 150 -37.36 -4.87 -29.81
N LYS B 151 -38.55 -4.39 -30.19
CA LYS B 151 -39.73 -5.21 -30.34
C LYS B 151 -40.23 -5.04 -31.78
N VAL B 152 -40.03 -6.07 -32.60
CA VAL B 152 -40.49 -6.09 -33.98
C VAL B 152 -41.71 -6.99 -34.04
N ASP B 153 -42.83 -6.44 -34.52
CA ASP B 153 -44.10 -7.18 -34.57
C ASP B 153 -44.47 -7.70 -33.19
N ASN B 154 -44.21 -6.89 -32.16
CA ASN B 154 -44.51 -7.23 -30.77
C ASN B 154 -43.68 -8.41 -30.26
N ALA B 155 -42.63 -8.77 -30.99
CA ALA B 155 -41.74 -9.86 -30.61
C ALA B 155 -40.36 -9.29 -30.32
N LEU B 156 -39.81 -9.62 -29.16
CA LEU B 156 -38.50 -9.11 -28.79
C LEU B 156 -37.42 -9.67 -29.71
N GLN B 157 -36.49 -8.81 -30.09
CA GLN B 157 -35.40 -9.18 -30.98
C GLN B 157 -34.06 -8.84 -30.33
N SER B 158 -33.06 -9.67 -30.57
CA SER B 158 -31.75 -9.48 -29.99
C SER B 158 -30.69 -10.03 -30.93
N GLY B 159 -29.46 -9.55 -30.76
CA GLY B 159 -28.35 -9.99 -31.56
C GLY B 159 -28.21 -9.32 -32.91
N ASN B 160 -29.05 -8.34 -33.22
CA ASN B 160 -29.01 -7.65 -34.51
C ASN B 160 -28.99 -6.13 -34.34
N SER B 161 -28.62 -5.64 -33.16
CA SER B 161 -28.58 -4.21 -32.89
C SER B 161 -27.21 -3.83 -32.37
N GLN B 162 -26.78 -2.61 -32.69
CA GLN B 162 -25.49 -2.08 -32.25
C GLN B 162 -25.72 -0.76 -31.55
N GLU B 163 -25.18 -0.62 -30.34
CA GLU B 163 -25.37 0.56 -29.53
C GLU B 163 -24.03 1.26 -29.30
N SER B 164 -24.03 2.58 -29.42
CA SER B 164 -22.86 3.41 -29.16
C SER B 164 -23.26 4.53 -28.20
N VAL B 165 -22.43 4.75 -27.19
CA VAL B 165 -22.70 5.74 -26.15
C VAL B 165 -21.58 6.77 -26.16
N THR B 166 -21.96 8.04 -26.19
CA THR B 166 -20.98 9.12 -26.14
C THR B 166 -20.30 9.16 -24.78
N GLU B 167 -19.08 9.71 -24.76
CA GLU B 167 -18.40 9.94 -23.50
C GLU B 167 -19.16 10.98 -22.69
N GLN B 168 -19.04 10.88 -21.37
CA GLN B 168 -19.69 11.82 -20.48
C GLN B 168 -19.15 13.22 -20.75
N ASP B 169 -19.96 14.08 -21.36
CA ASP B 169 -19.51 15.43 -21.67
C ASP B 169 -19.42 16.25 -20.39
N SER B 170 -18.36 17.06 -20.29
CA SER B 170 -18.10 17.85 -19.10
C SER B 170 -18.86 19.18 -19.08
N LYS B 171 -19.91 19.30 -19.88
CA LYS B 171 -20.72 20.53 -19.88
C LYS B 171 -21.88 20.39 -18.90
N ASP B 172 -22.53 19.23 -18.88
CA ASP B 172 -23.54 18.94 -17.88
C ASP B 172 -23.39 17.54 -17.29
N SER B 173 -22.40 16.76 -17.74
CA SER B 173 -22.13 15.43 -17.18
C SER B 173 -23.29 14.47 -17.44
N THR B 174 -23.61 14.29 -18.72
CA THR B 174 -24.70 13.41 -19.14
C THR B 174 -24.27 12.64 -20.37
N TYR B 175 -24.94 11.52 -20.60
CA TYR B 175 -24.65 10.61 -21.71
C TYR B 175 -25.73 10.68 -22.78
N SER B 176 -25.38 10.15 -23.95
CA SER B 176 -26.33 9.97 -25.05
C SER B 176 -26.00 8.67 -25.75
N LEU B 177 -26.99 7.80 -25.85
CA LEU B 177 -26.82 6.47 -26.42
C LEU B 177 -27.66 6.35 -27.68
N SER B 178 -27.12 5.71 -28.71
CA SER B 178 -27.84 5.46 -29.96
C SER B 178 -27.74 3.98 -30.27
N SER B 179 -28.88 3.31 -30.39
CA SER B 179 -28.93 1.90 -30.74
C SER B 179 -29.58 1.78 -32.10
N THR B 180 -28.83 1.28 -33.08
CA THR B 180 -29.31 1.09 -34.44
C THR B 180 -29.54 -0.39 -34.68
N LEU B 181 -30.74 -0.72 -35.13
CA LEU B 181 -31.10 -2.08 -35.51
C LEU B 181 -31.25 -2.11 -37.02
N THR B 182 -30.48 -2.98 -37.68
CA THR B 182 -30.38 -3.02 -39.13
C THR B 182 -30.94 -4.32 -39.67
N LEU B 183 -31.63 -4.24 -40.80
CA LEU B 183 -32.24 -5.40 -41.44
C LEU B 183 -32.17 -5.20 -42.95
N SER B 184 -32.34 -6.30 -43.67
CA SER B 184 -32.35 -6.22 -45.12
C SER B 184 -33.68 -5.67 -45.62
N LYS B 185 -33.77 -5.47 -46.94
CA LYS B 185 -35.00 -4.95 -47.53
C LYS B 185 -36.16 -5.90 -47.30
N ALA B 186 -35.95 -7.19 -47.55
CA ALA B 186 -37.03 -8.17 -47.43
C ALA B 186 -37.52 -8.26 -45.98
N ASP B 187 -36.60 -8.34 -45.02
CA ASP B 187 -37.00 -8.44 -43.63
C ASP B 187 -37.76 -7.20 -43.18
N TYR B 188 -37.30 -6.02 -43.61
CA TYR B 188 -38.00 -4.79 -43.28
C TYR B 188 -39.38 -4.74 -43.91
N GLU B 189 -39.54 -5.33 -45.10
CA GLU B 189 -40.80 -5.23 -45.82
C GLU B 189 -41.88 -6.12 -45.22
N LYS B 190 -41.51 -7.23 -44.59
CA LYS B 190 -42.49 -8.22 -44.14
C LYS B 190 -42.98 -7.99 -42.72
N HIS B 191 -42.60 -6.88 -42.09
CA HIS B 191 -43.07 -6.54 -40.76
C HIS B 191 -43.67 -5.15 -40.77
N LYS B 192 -44.62 -4.90 -39.86
CA LYS B 192 -45.41 -3.68 -39.87
C LYS B 192 -44.98 -2.67 -38.81
N VAL B 193 -44.82 -3.11 -37.57
CA VAL B 193 -44.58 -2.21 -36.44
C VAL B 193 -43.19 -2.48 -35.88
N TYR B 194 -42.45 -1.40 -35.61
CA TYR B 194 -41.15 -1.47 -34.95
C TYR B 194 -41.18 -0.58 -33.73
N ALA B 195 -40.72 -1.12 -32.60
CA ALA B 195 -40.70 -0.37 -31.35
C ALA B 195 -39.36 -0.54 -30.66
N CYS B 196 -38.96 0.49 -29.93
CA CYS B 196 -37.77 0.45 -29.08
C CYS B 196 -38.20 0.81 -27.67
N GLU B 197 -37.90 -0.08 -26.72
CA GLU B 197 -38.24 0.11 -25.32
C GLU B 197 -36.97 0.40 -24.53
N VAL B 198 -37.08 1.36 -23.62
CA VAL B 198 -35.94 1.82 -22.82
C VAL B 198 -36.33 1.69 -21.34
N THR B 199 -35.44 1.06 -20.57
CA THR B 199 -35.58 0.96 -19.12
C THR B 199 -34.38 1.65 -18.49
N HIS B 200 -34.65 2.58 -17.58
CA HIS B 200 -33.59 3.35 -16.95
C HIS B 200 -33.99 3.64 -15.51
N GLN B 201 -32.99 3.96 -14.68
CA GLN B 201 -33.27 4.28 -13.28
C GLN B 201 -34.16 5.52 -13.17
N GLY B 202 -33.91 6.53 -14.00
CA GLY B 202 -34.71 7.73 -13.93
C GLY B 202 -36.17 7.48 -14.26
N LEU B 203 -36.43 6.74 -15.32
CA LEU B 203 -37.82 6.45 -15.70
C LEU B 203 -38.41 5.43 -14.74
N SER B 204 -39.61 5.73 -14.23
CA SER B 204 -40.27 4.82 -13.30
C SER B 204 -40.60 3.50 -13.98
N SER B 205 -41.08 3.54 -15.21
CA SER B 205 -41.45 2.37 -15.98
C SER B 205 -40.83 2.46 -17.36
N PRO B 206 -40.65 1.33 -18.04
CA PRO B 206 -40.07 1.37 -19.40
C PRO B 206 -40.88 2.27 -20.32
N VAL B 207 -40.17 3.00 -21.18
CA VAL B 207 -40.78 3.89 -22.17
C VAL B 207 -40.58 3.25 -23.53
N THR B 208 -41.67 3.01 -24.24
CA THR B 208 -41.63 2.35 -25.55
C THR B 208 -42.05 3.36 -26.62
N LYS B 209 -41.18 3.56 -27.60
CA LYS B 209 -41.47 4.42 -28.75
C LYS B 209 -41.60 3.53 -29.98
N SER B 210 -42.73 3.63 -30.66
CA SER B 210 -43.07 2.71 -31.74
C SER B 210 -43.54 3.47 -32.97
N PHE B 211 -43.41 2.82 -34.12
CA PHE B 211 -43.89 3.37 -35.37
C PHE B 211 -44.30 2.23 -36.28
N ASN B 212 -45.08 2.56 -37.31
CA ASN B 212 -45.60 1.61 -38.27
C ASN B 212 -44.95 1.82 -39.63
N ARG B 213 -45.16 0.85 -40.52
CA ARG B 213 -44.58 0.89 -41.85
C ARG B 213 -45.11 2.08 -42.64
N LEU C 35 1.94 -15.29 71.10
CA LEU C 35 2.99 -14.27 70.81
C LEU C 35 3.41 -14.31 69.35
N LEU C 36 3.64 -13.13 68.76
CA LEU C 36 4.09 -13.03 67.38
C LEU C 36 5.23 -12.04 67.18
N ALA C 37 5.63 -11.30 68.22
CA ALA C 37 6.73 -10.36 68.06
C ALA C 37 8.03 -11.07 67.70
N ARG C 38 8.29 -12.21 68.34
CA ARG C 38 9.51 -12.97 68.04
C ARG C 38 9.51 -13.44 66.59
N ALA C 39 8.35 -13.86 66.07
CA ALA C 39 8.27 -14.27 64.67
C ALA C 39 8.61 -13.10 63.75
N GLU C 40 8.09 -11.91 64.05
CA GLU C 40 8.42 -10.74 63.23
C GLU C 40 9.90 -10.43 63.29
N LEU C 41 10.49 -10.51 64.49
CA LEU C 41 11.92 -10.23 64.62
C LEU C 41 12.74 -11.22 63.81
N ALA C 42 12.40 -12.51 63.88
CA ALA C 42 13.14 -13.51 63.10
C ALA C 42 12.97 -13.27 61.61
N LEU C 43 11.75 -12.95 61.17
CA LEU C 43 11.51 -12.65 59.77
C LEU C 43 12.38 -11.49 59.32
N LEU C 44 12.39 -10.40 60.09
CA LEU C 44 13.18 -9.23 59.71
C LEU C 44 14.67 -9.56 59.69
N SER C 45 15.14 -10.35 60.65
CA SER C 45 16.56 -10.70 60.69
C SER C 45 16.95 -11.50 59.45
N ILE C 46 16.17 -12.53 59.12
CA ILE C 46 16.51 -13.35 57.96
C ILE C 46 16.40 -12.54 56.67
N VAL C 47 15.42 -11.63 56.60
CA VAL C 47 15.26 -10.83 55.39
C VAL C 47 16.41 -9.85 55.24
N PHE C 48 16.85 -9.22 56.34
CA PHE C 48 18.02 -8.37 56.28
C PHE C 48 19.23 -9.16 55.82
N VAL C 49 19.44 -10.34 56.40
CA VAL C 49 20.58 -11.17 56.00
C VAL C 49 20.53 -11.44 54.51
N ALA C 50 19.38 -11.91 54.02
CA ALA C 50 19.25 -12.29 52.63
C ALA C 50 19.47 -11.10 51.71
N VAL C 51 18.76 -10.00 51.95
CA VAL C 51 18.84 -8.85 51.05
C VAL C 51 20.25 -8.27 51.05
N ALA C 52 20.83 -8.08 52.24
CA ALA C 52 22.17 -7.51 52.32
C ALA C 52 23.18 -8.40 51.63
N LEU C 53 23.15 -9.71 51.91
CA LEU C 53 24.13 -10.61 51.31
C LEU C 53 23.98 -10.65 49.80
N SER C 54 22.74 -10.80 49.30
CA SER C 54 22.54 -10.89 47.86
C SER C 54 22.96 -9.61 47.16
N ASN C 55 22.53 -8.46 47.69
CA ASN C 55 22.88 -7.20 47.05
C ASN C 55 24.38 -6.96 47.09
N GLY C 56 25.03 -7.25 48.22
CA GLY C 56 26.46 -7.09 48.29
C GLY C 56 27.20 -8.00 47.34
N LEU C 57 26.78 -9.26 47.25
CA LEU C 57 27.42 -10.19 46.33
C LEU C 57 27.27 -9.75 44.88
N VAL C 58 26.06 -9.31 44.51
CA VAL C 58 25.85 -8.89 43.12
C VAL C 58 26.62 -7.61 42.82
N LEU C 59 26.68 -6.68 43.78
CA LEU C 59 27.45 -5.46 43.58
C LEU C 59 28.94 -5.78 43.46
N ALA C 60 29.43 -6.72 44.26
CA ALA C 60 30.83 -7.14 44.14
C ALA C 60 31.10 -7.77 42.79
N ALA C 61 30.18 -8.61 42.31
CA ALA C 61 30.34 -9.19 40.98
C ALA C 61 30.33 -8.11 39.91
N LEU C 62 29.46 -7.12 40.05
CA LEU C 62 29.45 -6.01 39.11
C LEU C 62 30.78 -5.27 39.10
N ALA C 63 31.33 -5.00 40.28
CA ALA C 63 32.62 -4.32 40.35
C ALA C 63 33.73 -5.17 39.73
N ARG C 64 33.73 -6.47 40.02
CA ARG C 64 34.74 -7.36 39.46
C ARG C 64 34.67 -7.37 37.93
N ARG C 65 33.46 -7.50 37.39
CA ARG C 65 33.30 -7.46 35.94
C ARG C 65 33.68 -6.11 35.37
N GLY C 66 33.49 -5.04 36.14
CA GLY C 66 33.95 -3.73 35.69
C GLY C 66 35.45 -3.64 35.62
N ARG C 67 36.15 -4.25 36.57
CA ARG C 67 37.61 -4.29 36.52
C ARG C 67 38.10 -4.91 35.23
N ARG C 68 37.35 -5.88 34.69
CA ARG C 68 37.67 -6.50 33.41
C ARG C 68 37.15 -5.58 32.29
N GLY C 69 37.16 -6.09 31.06
CA GLY C 69 36.65 -5.35 29.93
C GLY C 69 35.22 -5.71 29.59
N HIS C 70 34.46 -6.16 30.60
CA HIS C 70 33.09 -6.62 30.39
C HIS C 70 32.07 -5.65 30.97
N TRP C 71 32.45 -4.40 31.22
CA TRP C 71 31.50 -3.42 31.70
C TRP C 71 30.54 -3.01 30.59
N ALA C 72 29.29 -2.78 30.96
CA ALA C 72 28.22 -2.47 30.02
C ALA C 72 27.38 -1.32 30.54
N PRO C 73 26.63 -0.65 29.67
CA PRO C 73 25.77 0.45 30.16
C PRO C 73 24.75 0.02 31.20
N ILE C 74 24.17 -1.17 31.07
CA ILE C 74 23.16 -1.63 32.02
C ILE C 74 23.74 -1.83 33.41
N HIS C 75 25.08 -1.87 33.52
CA HIS C 75 25.69 -2.14 34.81
C HIS C 75 25.41 -1.02 35.79
N VAL C 76 25.42 0.23 35.33
CA VAL C 76 25.11 1.35 36.23
C VAL C 76 23.69 1.23 36.75
N PHE C 77 22.75 0.92 35.85
CA PHE C 77 21.35 0.79 36.27
C PHE C 77 21.19 -0.33 37.31
N ILE C 78 21.81 -1.48 37.05
CA ILE C 78 21.66 -2.60 37.98
C ILE C 78 22.36 -2.29 39.30
N GLY C 79 23.52 -1.65 39.25
CA GLY C 79 24.23 -1.32 40.47
C GLY C 79 23.46 -0.31 41.32
N HIS C 80 22.83 0.67 40.67
CA HIS C 80 22.06 1.64 41.44
C HIS C 80 20.75 1.07 41.94
N LEU C 81 20.14 0.13 41.20
CA LEU C 81 19.01 -0.60 41.76
C LEU C 81 19.44 -1.39 42.98
N CYS C 82 20.62 -1.99 42.93
CA CYS C 82 21.16 -2.68 44.09
C CYS C 82 21.38 -1.71 45.25
N LEU C 83 21.89 -0.52 44.95
CA LEU C 83 22.11 0.48 46.01
C LEU C 83 20.79 0.91 46.63
N ALA C 84 19.75 1.06 45.82
CA ALA C 84 18.42 1.34 46.36
C ALA C 84 17.95 0.19 47.24
N ASP C 85 18.24 -1.04 46.83
CA ASP C 85 17.90 -2.19 47.67
C ASP C 85 18.62 -2.15 49.00
N LEU C 86 19.91 -1.80 48.99
CA LEU C 86 20.65 -1.65 50.24
C LEU C 86 20.06 -0.52 51.09
N ALA C 87 19.63 0.56 50.45
CA ALA C 87 18.99 1.64 51.20
C ALA C 87 17.71 1.14 51.87
N VAL C 88 16.91 0.35 51.14
CA VAL C 88 15.73 -0.24 51.73
C VAL C 88 16.09 -1.13 52.91
N ALA C 89 17.16 -1.93 52.75
CA ALA C 89 17.54 -2.87 53.80
C ALA C 89 18.03 -2.14 55.04
N LEU C 90 18.80 -1.07 54.87
CA LEU C 90 19.46 -0.40 55.98
C LEU C 90 18.61 0.68 56.62
N PHE C 91 17.61 1.22 55.91
CA PHE C 91 16.74 2.26 56.43
C PHE C 91 15.34 1.75 56.73
N GLN C 92 14.73 1.02 55.80
CA GLN C 92 13.35 0.57 55.97
C GLN C 92 13.23 -0.76 56.71
N VAL C 93 14.31 -1.52 56.83
CA VAL C 93 14.26 -2.84 57.45
C VAL C 93 15.03 -2.87 58.77
N LEU C 94 16.18 -2.19 58.84
CA LEU C 94 16.97 -2.25 60.06
C LEU C 94 16.23 -1.66 61.26
N PRO C 95 15.62 -0.48 61.19
CA PRO C 95 14.93 0.05 62.37
C PRO C 95 13.86 -0.89 62.90
N GLN C 96 13.08 -1.52 62.01
CA GLN C 96 12.05 -2.44 62.47
C GLN C 96 12.66 -3.71 63.07
N LEU C 97 13.78 -4.18 62.52
CA LEU C 97 14.41 -5.38 63.05
C LEU C 97 14.83 -5.19 64.50
N ALA C 98 15.43 -4.04 64.81
CA ALA C 98 15.84 -3.73 66.17
C ALA C 98 14.61 -3.40 67.00
N TRP C 99 14.15 -4.38 67.78
CA TRP C 99 12.99 -4.16 68.63
C TRP C 99 13.33 -3.51 69.96
N LYS C 100 14.62 -3.30 70.25
CA LYS C 100 15.03 -2.49 71.38
C LYS C 100 15.13 -1.01 71.04
N ALA C 101 15.04 -0.66 69.75
CA ALA C 101 15.07 0.73 69.32
C ALA C 101 13.77 1.19 68.69
N THR C 102 12.97 0.27 68.15
CA THR C 102 11.66 0.59 67.57
C THR C 102 10.51 0.26 68.50
N ASP C 103 10.80 -0.22 69.72
CA ASP C 103 9.73 -0.46 70.69
C ASP C 103 8.99 0.83 71.02
N ARG C 104 9.73 1.92 71.24
CA ARG C 104 9.14 3.22 71.48
C ARG C 104 9.83 4.32 70.68
N PHE C 105 10.74 3.98 69.77
CA PHE C 105 11.43 4.96 68.95
C PHE C 105 12.15 5.99 69.83
N ARG C 106 12.86 5.49 70.83
CA ARG C 106 13.56 6.36 71.76
C ARG C 106 14.60 7.20 71.03
N GLY C 107 14.73 8.46 71.43
CA GLY C 107 15.74 9.33 70.89
C GLY C 107 15.21 10.72 70.60
N PRO C 108 16.10 11.64 70.22
CA PRO C 108 15.66 12.99 69.88
C PRO C 108 14.85 13.02 68.61
N ASP C 109 14.00 14.05 68.48
CA ASP C 109 13.14 14.15 67.31
C ASP C 109 13.94 14.17 66.02
N ALA C 110 15.18 14.65 66.06
CA ALA C 110 16.01 14.66 64.86
C ALA C 110 16.25 13.25 64.35
N LEU C 111 16.53 12.31 65.26
CA LEU C 111 16.78 10.93 64.86
C LEU C 111 15.56 10.34 64.17
N CYS C 112 14.37 10.52 64.76
CA CYS C 112 13.16 9.96 64.18
C CYS C 112 12.85 10.61 62.83
N ARG C 113 13.01 11.93 62.74
CA ARG C 113 12.76 12.61 61.47
C ARG C 113 13.69 12.09 60.38
N ALA C 114 14.98 11.95 60.71
CA ALA C 114 15.93 11.43 59.74
C ALA C 114 15.59 10.01 59.34
N VAL C 115 15.19 9.17 60.31
CA VAL C 115 14.89 7.78 60.00
C VAL C 115 13.70 7.69 59.07
N LYS C 116 12.63 8.45 59.35
CA LYS C 116 11.46 8.40 58.47
C LYS C 116 11.78 8.95 57.09
N TYR C 117 12.56 10.03 57.02
CA TYR C 117 12.96 10.57 55.73
C TYR C 117 13.74 9.53 54.94
N LEU C 118 14.67 8.83 55.60
CA LEU C 118 15.46 7.81 54.92
C LEU C 118 14.59 6.65 54.46
N GLN C 119 13.62 6.24 55.29
CA GLN C 119 12.72 5.16 54.88
C GLN C 119 11.96 5.53 53.62
N MET C 120 11.37 6.73 53.60
CA MET C 120 10.59 7.12 52.42
C MET C 120 11.50 7.33 51.22
N VAL C 121 12.72 7.80 51.44
CA VAL C 121 13.68 7.93 50.34
C VAL C 121 14.00 6.56 49.77
N GLY C 122 14.19 5.56 50.64
CA GLY C 122 14.46 4.22 50.17
C GLY C 122 13.32 3.65 49.36
N MET C 123 12.09 3.85 49.82
CA MET C 123 10.92 3.36 49.09
C MET C 123 10.80 4.04 47.72
N TYR C 124 10.92 5.37 47.71
CA TYR C 124 10.87 6.11 46.45
C TYR C 124 11.96 5.64 45.50
N ALA C 125 13.18 5.44 46.01
CA ALA C 125 14.29 5.00 45.17
C ALA C 125 14.04 3.60 44.63
N SER C 126 13.54 2.69 45.46
CA SER C 126 13.29 1.34 44.99
C SER C 126 12.26 1.35 43.86
N SER C 127 11.23 2.18 43.97
CA SER C 127 10.25 2.26 42.89
C SER C 127 10.85 2.92 41.64
N TYR C 128 11.53 4.03 41.82
CA TYR C 128 11.95 4.84 40.68
C TYR C 128 13.18 4.28 39.98
N MET C 129 13.98 3.43 40.63
CA MET C 129 15.05 2.75 39.91
C MET C 129 14.48 1.74 38.94
N ILE C 130 13.43 1.01 39.34
CA ILE C 130 12.75 0.12 38.39
C ILE C 130 12.10 0.94 37.28
N LEU C 131 11.49 2.07 37.64
CA LEU C 131 10.91 2.93 36.62
C LEU C 131 11.99 3.39 35.62
N ALA C 132 13.15 3.79 36.13
CA ALA C 132 14.24 4.23 35.25
C ALA C 132 14.78 3.09 34.40
N MET C 133 14.85 1.88 34.97
CA MET C 133 15.28 0.73 34.17
C MET C 133 14.31 0.46 33.03
N THR C 134 13.01 0.54 33.30
CA THR C 134 12.03 0.31 32.24
C THR C 134 12.10 1.42 31.20
N LEU C 135 12.31 2.66 31.64
CA LEU C 135 12.49 3.76 30.68
C LEU C 135 13.74 3.54 29.84
N ASP C 136 14.80 3.01 30.45
CA ASP C 136 16.01 2.69 29.70
C ASP C 136 15.72 1.62 28.66
N ARG C 137 14.95 0.60 29.02
CA ARG C 137 14.58 -0.43 28.05
C ARG C 137 13.80 0.19 26.91
N HIS C 138 12.86 1.08 27.22
CA HIS C 138 12.11 1.76 26.17
C HIS C 138 13.04 2.56 25.27
N ARG C 139 14.00 3.27 25.86
CA ARG C 139 14.94 4.07 25.07
C ARG C 139 15.81 3.19 24.18
N ALA C 140 16.28 2.06 24.71
CA ALA C 140 17.22 1.20 24.00
C ALA C 140 16.54 0.16 23.14
N ILE C 141 15.20 0.15 23.10
CA ILE C 141 14.48 -0.80 22.25
C ILE C 141 13.66 -0.01 21.23
N CYS C 142 12.75 0.83 21.70
CA CYS C 142 11.89 1.58 20.79
C CYS C 142 12.70 2.54 19.94
N ARG C 143 13.55 3.36 20.57
CA ARG C 143 14.34 4.38 19.88
C ARG C 143 15.77 4.33 20.37
N PRO C 144 16.54 3.29 19.98
CA PRO C 144 17.92 3.18 20.46
C PRO C 144 18.86 4.18 19.82
N MET C 145 18.86 5.41 20.33
CA MET C 145 19.70 6.48 19.82
C MET C 145 20.91 6.68 20.74
N LEU C 146 21.71 7.70 20.41
CA LEU C 146 22.88 8.04 21.22
C LEU C 146 22.47 8.99 22.35
N ALA C 147 21.55 8.50 23.18
CA ALA C 147 21.01 9.26 24.31
C ALA C 147 21.71 8.93 25.62
N TYR C 148 22.77 8.14 25.59
CA TYR C 148 23.56 7.84 26.78
C TYR C 148 24.61 8.91 27.03
N ARG C 149 24.17 10.17 27.04
CA ARG C 149 25.09 11.28 27.22
C ARG C 149 25.61 11.35 28.64
N HIS C 150 26.89 11.68 28.78
CA HIS C 150 27.55 11.82 30.08
C HIS C 150 27.53 10.53 30.89
N GLY C 151 27.20 9.41 30.25
CA GLY C 151 27.32 8.13 30.93
C GLY C 151 28.77 7.81 31.24
N SER C 152 29.00 7.16 32.38
CA SER C 152 30.34 6.92 32.85
C SER C 152 30.41 5.59 33.56
N GLY C 153 31.63 5.06 33.66
CA GLY C 153 31.90 3.85 34.42
C GLY C 153 32.00 4.08 35.91
N ALA C 154 31.86 5.32 36.36
CA ALA C 154 31.82 5.64 37.78
C ALA C 154 30.47 5.30 38.41
N HIS C 155 29.64 4.53 37.72
CA HIS C 155 28.33 4.13 38.24
C HIS C 155 27.44 5.34 38.50
N TRP C 156 27.11 6.04 37.42
CA TRP C 156 26.08 7.08 37.48
C TRP C 156 25.75 7.52 36.05
N ASN C 157 24.51 7.94 35.85
CA ASN C 157 24.06 8.51 34.60
C ASN C 157 22.88 9.43 34.90
N ARG C 158 22.38 10.10 33.85
CA ARG C 158 21.36 11.12 34.07
C ARG C 158 20.07 10.54 34.63
N PRO C 159 19.48 9.49 34.06
CA PRO C 159 18.20 9.00 34.61
C PRO C 159 18.28 8.58 36.07
N VAL C 160 19.38 7.93 36.46
CA VAL C 160 19.46 7.42 37.83
C VAL C 160 19.63 8.56 38.81
N LEU C 161 20.44 9.56 38.48
CA LEU C 161 20.57 10.72 39.35
C LEU C 161 19.26 11.49 39.42
N VAL C 162 18.52 11.55 38.31
CA VAL C 162 17.20 12.17 38.33
C VAL C 162 16.30 11.43 39.31
N ALA C 163 16.30 10.09 39.26
CA ALA C 163 15.46 9.31 40.14
C ALA C 163 15.85 9.50 41.60
N TRP C 164 17.16 9.53 41.88
CA TRP C 164 17.61 9.72 43.26
C TRP C 164 17.23 11.10 43.78
N ALA C 165 17.40 12.13 42.95
CA ALA C 165 17.02 13.48 43.36
C ALA C 165 15.52 13.58 43.59
N PHE C 166 14.72 12.96 42.72
CA PHE C 166 13.27 12.99 42.90
C PHE C 166 12.88 12.25 44.18
N SER C 167 13.53 11.13 44.47
CA SER C 167 13.26 10.42 45.72
C SER C 167 13.60 11.28 46.92
N LEU C 168 14.72 11.99 46.87
CA LEU C 168 15.08 12.87 47.98
C LEU C 168 14.08 14.01 48.15
N LEU C 169 13.65 14.62 47.04
CA LEU C 169 12.75 15.76 47.12
C LEU C 169 11.37 15.35 47.58
N LEU C 170 10.80 14.30 46.98
CA LEU C 170 9.44 13.92 47.28
C LEU C 170 9.26 13.41 48.70
N SER C 171 10.34 12.97 49.34
CA SER C 171 10.26 12.51 50.73
C SER C 171 10.51 13.62 51.73
N LEU C 172 10.77 14.85 51.27
CA LEU C 172 10.96 15.96 52.19
C LEU C 172 9.80 16.15 53.15
N PRO C 173 8.54 16.03 52.74
CA PRO C 173 7.42 16.20 53.69
C PRO C 173 7.58 15.39 54.98
N GLN C 174 8.39 14.33 54.96
CA GLN C 174 8.56 13.50 56.14
C GLN C 174 9.31 14.22 57.27
N LEU C 175 9.95 15.34 56.99
CA LEU C 175 10.59 16.13 58.05
C LEU C 175 9.60 16.99 58.81
N PHE C 176 8.37 17.16 58.30
CA PHE C 176 7.39 18.05 58.91
C PHE C 176 6.17 17.30 59.41
N ILE C 177 6.29 15.99 59.65
CA ILE C 177 5.17 15.18 60.13
C ILE C 177 5.54 14.51 61.45
N PHE C 178 6.55 13.66 61.42
CA PHE C 178 6.94 12.86 62.57
C PHE C 178 7.94 13.64 63.42
N ALA C 179 7.58 13.94 64.66
CA ALA C 179 8.51 14.63 65.57
C ALA C 179 8.20 14.17 67.00
N GLN C 180 8.92 13.14 67.44
CA GLN C 180 8.89 12.67 68.83
C GLN C 180 7.48 12.73 69.41
N ARG C 181 6.51 12.21 68.67
CA ARG C 181 5.13 12.25 69.10
C ARG C 181 4.89 11.32 70.29
N ASP C 191 6.38 7.81 72.53
CA ASP C 191 7.04 7.20 71.39
C ASP C 191 6.72 7.95 70.10
N CYS C 192 7.63 7.88 69.13
CA CYS C 192 7.46 8.60 67.88
C CYS C 192 6.18 8.16 67.17
N TRP C 193 5.42 9.13 66.68
CA TRP C 193 4.18 8.85 65.98
C TRP C 193 3.87 10.03 65.06
N ALA C 194 2.99 9.78 64.10
CA ALA C 194 2.59 10.83 63.16
C ALA C 194 1.87 11.95 63.89
N CYS C 195 2.28 13.19 63.60
CA CYS C 195 1.66 14.37 64.18
C CYS C 195 0.57 14.96 63.31
N PHE C 196 0.27 14.35 62.16
CA PHE C 196 -0.74 14.86 61.26
C PHE C 196 -0.33 16.23 60.71
N TRP C 200 -8.32 15.14 57.77
CA TRP C 200 -8.20 15.05 56.32
C TRP C 200 -6.74 14.94 55.88
N GLY C 201 -5.82 15.28 56.80
CA GLY C 201 -4.41 15.25 56.46
C GLY C 201 -3.89 13.85 56.17
N ARG C 202 -4.27 12.89 57.01
CA ARG C 202 -3.74 11.53 56.86
C ARG C 202 -4.20 10.89 55.56
N ARG C 203 -5.51 10.92 55.30
CA ARG C 203 -6.03 10.27 54.09
C ARG C 203 -5.47 10.92 52.84
N THR C 204 -5.45 12.26 52.80
CA THR C 204 -4.93 12.96 51.63
C THR C 204 -3.45 12.64 51.43
N TYR C 205 -2.67 12.66 52.51
CA TYR C 205 -1.24 12.40 52.39
C TYR C 205 -0.97 10.97 51.93
N VAL C 206 -1.71 10.00 52.47
CA VAL C 206 -1.49 8.61 52.08
C VAL C 206 -1.91 8.39 50.64
N THR C 207 -3.00 9.03 50.21
CA THR C 207 -3.40 8.96 48.80
C THR C 207 -2.31 9.54 47.92
N TRP C 208 -1.73 10.68 48.32
CA TRP C 208 -0.64 11.28 47.57
C TRP C 208 0.55 10.34 47.49
N ILE C 209 0.90 9.72 48.62
CA ILE C 209 2.07 8.84 48.66
C ILE C 209 1.85 7.63 47.76
N ALA C 210 0.67 7.03 47.83
CA ALA C 210 0.40 5.85 47.01
C ALA C 210 0.27 6.23 45.53
N LEU C 211 -0.12 7.46 45.23
CA LEU C 211 -0.22 7.90 43.85
C LEU C 211 1.15 8.21 43.27
N MET C 212 2.06 8.75 44.08
CA MET C 212 3.37 9.16 43.59
C MET C 212 4.35 8.01 43.58
N VAL C 213 4.28 7.12 44.57
CA VAL C 213 5.25 6.04 44.72
C VAL C 213 4.87 4.82 43.89
N PHE C 214 3.59 4.47 43.86
CA PHE C 214 3.15 3.19 43.33
C PHE C 214 2.31 3.32 42.06
N VAL C 215 1.21 4.07 42.11
CA VAL C 215 0.27 4.05 41.00
C VAL C 215 0.86 4.75 39.78
N ALA C 216 1.49 5.92 39.97
CA ALA C 216 2.03 6.64 38.82
C ALA C 216 3.26 5.95 38.25
N PRO C 217 4.29 5.60 39.03
CA PRO C 217 5.38 4.81 38.45
C PRO C 217 4.92 3.51 37.84
N THR C 218 3.96 2.82 38.46
CA THR C 218 3.49 1.55 37.92
C THR C 218 2.77 1.74 36.60
N LEU C 219 1.96 2.80 36.49
CA LEU C 219 1.28 3.06 35.22
C LEU C 219 2.27 3.45 34.13
N GLY C 220 3.27 4.27 34.47
CA GLY C 220 4.31 4.57 33.51
C GLY C 220 5.05 3.33 33.06
N ILE C 221 5.37 2.44 34.01
CA ILE C 221 6.06 1.20 33.68
C ILE C 221 5.20 0.32 32.80
N ALA C 222 3.90 0.26 33.09
CA ALA C 222 3.00 -0.55 32.26
C ALA C 222 2.91 -0.01 30.84
N ALA C 223 2.82 1.31 30.70
CA ALA C 223 2.83 1.91 29.37
C ALA C 223 4.12 1.58 28.63
N CYS C 224 5.25 1.75 29.31
CA CYS C 224 6.53 1.44 28.68
C CYS C 224 6.60 -0.03 28.30
N GLN C 225 6.05 -0.91 29.14
CA GLN C 225 6.13 -2.34 28.88
C GLN C 225 5.25 -2.73 27.69
N VAL C 226 4.06 -2.17 27.58
CA VAL C 226 3.23 -2.47 26.42
C VAL C 226 3.88 -1.93 25.15
N LEU C 227 4.47 -0.73 25.23
CA LEU C 227 5.16 -0.19 24.06
C LEU C 227 6.34 -1.08 23.66
N ILE C 228 7.12 -1.54 24.65
CA ILE C 228 8.26 -2.40 24.36
C ILE C 228 7.80 -3.73 23.80
N PHE C 229 6.70 -4.27 24.33
CA PHE C 229 6.17 -5.52 23.81
C PHE C 229 5.77 -5.35 22.35
N ARG C 230 5.10 -4.24 22.03
CA ARG C 230 4.71 -3.99 20.65
C ARG C 230 5.93 -3.89 19.74
N GLU C 231 6.95 -3.14 20.18
CA GLU C 231 8.15 -2.99 19.35
C GLU C 231 8.85 -4.34 19.16
N ILE C 232 8.93 -5.14 20.23
CA ILE C 232 9.61 -6.43 20.13
C ILE C 232 8.83 -7.38 19.24
N HIS C 233 7.50 -7.34 19.31
CA HIS C 233 6.70 -8.16 18.39
C HIS C 233 6.88 -7.72 16.95
N ALA C 234 6.97 -6.41 16.71
CA ALA C 234 7.23 -5.93 15.36
C ALA C 234 8.57 -6.43 14.86
N ALA C 235 9.60 -6.36 15.71
CA ALA C 235 10.92 -6.86 15.32
C ALA C 235 10.88 -8.37 15.05
N ARG C 236 10.17 -9.12 15.89
CA ARG C 236 10.05 -10.56 15.69
C ARG C 236 9.35 -10.87 14.37
N ARG C 237 8.29 -10.12 14.06
CA ARG C 237 7.58 -10.34 12.81
C ARG C 237 8.47 -10.00 11.61
N GLN C 238 9.24 -8.93 11.70
CA GLN C 238 10.15 -8.57 10.61
C GLN C 238 11.20 -9.66 10.40
N LEU C 239 11.78 -10.17 11.49
CA LEU C 239 12.78 -11.21 11.36
C LEU C 239 12.16 -12.49 10.82
N ALA C 240 10.92 -12.80 11.23
CA ALA C 240 10.23 -13.96 10.68
C ALA C 240 9.98 -13.79 9.19
N ASP C 241 9.62 -12.59 8.76
CA ASP C 241 9.43 -12.33 7.33
C ASP C 241 10.73 -12.55 6.56
N LEU C 242 11.85 -12.03 7.09
CA LEU C 242 13.13 -12.25 6.42
C LEU C 242 13.48 -13.73 6.37
N GLU C 243 13.23 -14.45 7.47
CA GLU C 243 13.48 -15.89 7.48
C GLU C 243 12.62 -16.61 6.45
N ASP C 244 11.36 -16.19 6.31
CA ASP C 244 10.48 -16.81 5.33
C ASP C 244 10.96 -16.54 3.91
N ASN C 245 11.44 -15.31 3.65
CA ASN C 245 11.98 -15.02 2.34
C ASN C 245 13.21 -15.88 2.04
N TRP C 246 14.09 -16.04 3.03
CA TRP C 246 15.24 -16.92 2.85
C TRP C 246 14.80 -18.35 2.60
N GLU C 247 13.77 -18.80 3.32
CA GLU C 247 13.27 -20.16 3.14
C GLU C 247 12.73 -20.35 1.74
N THR C 248 11.97 -19.38 1.22
CA THR C 248 11.46 -19.49 -0.14
C THR C 248 12.60 -19.52 -1.14
N LEU C 249 13.62 -18.69 -0.94
CA LEU C 249 14.79 -18.75 -1.81
C LEU C 249 15.38 -20.15 -1.82
N ASN C 250 15.58 -20.74 -0.64
CA ASN C 250 16.20 -22.07 -0.57
C ASN C 250 15.32 -23.14 -1.22
N ASP C 251 14.01 -23.12 -0.94
CA ASP C 251 13.13 -24.13 -1.52
C ASP C 251 13.11 -24.04 -3.03
N ASN C 252 13.01 -22.82 -3.57
CA ASN C 252 12.98 -22.70 -5.02
C ASN C 252 14.32 -23.02 -5.65
N LEU C 253 15.43 -22.78 -4.93
CA LEU C 253 16.72 -23.25 -5.41
C LEU C 253 16.74 -24.77 -5.51
N LYS C 254 16.20 -25.45 -4.50
CA LYS C 254 16.12 -26.91 -4.55
C LYS C 254 15.26 -27.37 -5.73
N VAL C 255 14.12 -26.70 -5.93
CA VAL C 255 13.24 -27.06 -7.04
C VAL C 255 13.95 -26.88 -8.37
N ILE C 256 14.71 -25.78 -8.53
CA ILE C 256 15.47 -25.59 -9.75
C ILE C 256 16.49 -26.71 -9.92
N GLU C 257 17.16 -27.08 -8.83
CA GLU C 257 18.13 -28.16 -8.90
C GLU C 257 17.50 -29.45 -9.38
N LYS C 258 16.27 -29.74 -8.93
CA LYS C 258 15.58 -30.95 -9.31
C LYS C 258 14.64 -30.78 -10.50
N ALA C 259 14.57 -29.57 -11.09
CA ALA C 259 13.73 -29.35 -12.25
C ALA C 259 14.38 -29.96 -13.49
N ASP C 260 13.54 -30.34 -14.45
CA ASP C 260 14.00 -31.03 -15.66
C ASP C 260 13.29 -30.50 -16.90
N ASN C 261 13.04 -29.20 -16.96
CA ASN C 261 12.42 -28.59 -18.14
C ASN C 261 12.46 -27.08 -17.98
N ALA C 262 12.08 -26.39 -19.06
CA ALA C 262 12.12 -24.93 -19.08
C ALA C 262 11.26 -24.35 -17.96
N ALA C 263 10.01 -24.78 -17.88
CA ALA C 263 9.16 -24.37 -16.77
C ALA C 263 9.64 -25.02 -15.48
N GLN C 264 9.23 -24.44 -14.35
CA GLN C 264 9.76 -24.79 -13.04
C GLN C 264 11.17 -24.22 -12.86
N VAL C 265 11.72 -23.62 -13.92
CA VAL C 265 12.97 -22.89 -13.86
C VAL C 265 12.74 -21.42 -14.19
N LYS C 266 12.15 -21.15 -15.36
CA LYS C 266 11.57 -19.83 -15.59
C LYS C 266 10.61 -19.48 -14.47
N ASP C 267 9.75 -20.44 -14.11
CA ASP C 267 9.05 -20.38 -12.84
C ASP C 267 9.96 -20.87 -11.72
N ALA C 268 9.67 -20.44 -10.50
CA ALA C 268 10.48 -20.77 -9.33
C ALA C 268 11.77 -19.96 -9.32
N LEU C 269 12.03 -19.22 -10.40
CA LEU C 269 12.97 -18.12 -10.35
C LEU C 269 12.26 -16.80 -10.11
N THR C 270 11.00 -16.70 -10.53
CA THR C 270 10.20 -15.52 -10.25
C THR C 270 9.88 -15.42 -8.76
N LYS C 271 9.56 -16.56 -8.14
CA LYS C 271 9.34 -16.57 -6.70
C LYS C 271 10.62 -16.19 -5.96
N MET C 272 11.76 -16.69 -6.44
CA MET C 272 13.04 -16.32 -5.85
C MET C 272 13.28 -14.82 -5.99
N ARG C 273 12.99 -14.26 -7.17
CA ARG C 273 13.22 -12.84 -7.38
C ARG C 273 12.32 -12.00 -6.49
N ALA C 274 11.05 -12.37 -6.36
CA ALA C 274 10.15 -11.65 -5.47
C ALA C 274 10.62 -11.75 -4.02
N ALA C 275 11.08 -12.94 -3.61
CA ALA C 275 11.58 -13.11 -2.26
C ALA C 275 12.79 -12.23 -2.01
N ALA C 276 13.72 -12.19 -2.98
CA ALA C 276 14.91 -11.35 -2.81
C ALA C 276 14.56 -9.88 -2.74
N LEU C 277 13.64 -9.43 -3.60
CA LEU C 277 13.23 -8.03 -3.56
C LEU C 277 12.58 -7.68 -2.23
N ASP C 278 11.72 -8.56 -1.72
CA ASP C 278 11.13 -8.33 -0.41
C ASP C 278 12.18 -8.33 0.68
N ALA C 279 13.14 -9.23 0.61
CA ALA C 279 14.13 -9.40 1.68
C ALA C 279 15.05 -8.19 1.76
N GLN C 280 15.60 -7.75 0.62
CA GLN C 280 16.56 -6.65 0.67
C GLN C 280 15.91 -5.36 1.17
N LYS C 281 14.58 -5.26 1.12
CA LYS C 281 13.90 -4.08 1.64
C LYS C 281 13.83 -4.07 3.15
N ALA C 282 13.80 -5.25 3.77
CA ALA C 282 13.68 -5.35 5.22
C ALA C 282 14.92 -4.77 5.89
N THR C 283 14.77 -3.59 6.49
CA THR C 283 15.86 -2.96 7.22
C THR C 283 16.05 -3.62 8.58
N PRO C 284 17.24 -3.51 9.16
CA PRO C 284 17.44 -4.06 10.50
C PRO C 284 16.56 -3.35 11.50
N PRO C 285 16.17 -4.03 12.58
CA PRO C 285 15.31 -3.39 13.57
C PRO C 285 16.01 -2.20 14.21
N LYS C 286 15.25 -1.47 15.04
CA LYS C 286 15.80 -0.30 15.69
C LYS C 286 16.95 -0.65 16.62
N LEU C 287 17.06 -1.92 17.03
CA LEU C 287 18.11 -2.34 17.96
C LEU C 287 19.51 -2.06 17.42
N GLU C 288 19.66 -1.94 16.11
CA GLU C 288 20.94 -1.62 15.48
C GLU C 288 20.85 -0.30 14.76
N ASP C 289 21.99 0.40 14.70
CA ASP C 289 22.03 1.70 14.04
C ASP C 289 21.94 1.54 12.52
N LYS C 290 21.61 2.64 11.86
CA LYS C 290 21.49 2.69 10.40
C LYS C 290 22.18 3.96 9.92
N SER C 291 23.44 3.84 9.53
CA SER C 291 24.24 4.97 9.08
C SER C 291 24.98 4.62 7.80
N PRO C 292 25.28 5.62 6.96
CA PRO C 292 26.03 5.32 5.73
C PRO C 292 27.38 4.70 6.04
N ASP C 293 27.83 3.83 5.15
CA ASP C 293 29.03 3.01 5.27
C ASP C 293 28.79 1.82 6.19
N SER C 294 27.61 1.72 6.80
CA SER C 294 27.33 0.59 7.67
C SER C 294 27.28 -0.71 6.86
N PRO C 295 27.68 -1.83 7.46
CA PRO C 295 27.58 -3.11 6.73
C PRO C 295 26.15 -3.44 6.30
N GLU C 296 25.15 -3.05 7.09
CA GLU C 296 23.77 -3.38 6.75
C GLU C 296 23.23 -2.54 5.60
N MET C 297 23.84 -1.38 5.32
CA MET C 297 23.39 -0.56 4.20
C MET C 297 24.05 -0.98 2.88
N LYS C 298 25.37 -1.13 2.89
CA LYS C 298 26.06 -1.51 1.66
C LYS C 298 26.31 -3.01 1.59
N ASP C 299 26.92 -3.59 2.62
CA ASP C 299 27.30 -5.00 2.53
C ASP C 299 26.07 -5.90 2.42
N PHE C 300 24.94 -5.48 2.97
CA PHE C 300 23.71 -6.28 2.86
C PHE C 300 23.01 -6.01 1.54
N ARG C 301 22.59 -4.77 1.32
CA ARG C 301 21.96 -4.39 0.06
C ARG C 301 23.00 -4.01 -0.99
N HIS C 302 24.02 -4.82 -1.09
CA HIS C 302 24.86 -4.97 -2.27
C HIS C 302 25.03 -6.45 -2.61
N GLY C 303 25.19 -7.29 -1.59
CA GLY C 303 25.10 -8.72 -1.82
C GLY C 303 23.74 -9.11 -2.34
N PHE C 304 22.68 -8.46 -1.83
CA PHE C 304 21.36 -8.74 -2.39
C PHE C 304 21.26 -8.25 -3.84
N ASP C 305 21.96 -7.16 -4.17
CA ASP C 305 21.98 -6.72 -5.57
C ASP C 305 22.65 -7.76 -6.46
N ILE C 306 23.77 -8.33 -6.02
CA ILE C 306 24.40 -9.39 -6.81
C ILE C 306 23.50 -10.61 -6.88
N LEU C 307 22.79 -10.90 -5.79
CA LEU C 307 21.88 -12.04 -5.79
C LEU C 307 20.78 -11.86 -6.82
N VAL C 308 20.13 -10.69 -6.84
CA VAL C 308 19.07 -10.45 -7.80
C VAL C 308 19.63 -10.39 -9.21
N GLY C 309 20.87 -9.91 -9.39
CA GLY C 309 21.47 -9.94 -10.71
C GLY C 309 21.71 -11.37 -11.20
N GLN C 310 22.13 -12.25 -10.31
CA GLN C 310 22.30 -13.65 -10.68
C GLN C 310 20.96 -14.31 -10.98
N ILE C 311 19.92 -13.94 -10.22
CA ILE C 311 18.57 -14.43 -10.53
C ILE C 311 18.16 -13.95 -11.92
N ASP C 312 18.46 -12.69 -12.25
CA ASP C 312 18.14 -12.17 -13.57
C ASP C 312 18.89 -12.93 -14.66
N ASP C 313 20.16 -13.24 -14.43
CA ASP C 313 20.92 -14.01 -15.41
C ASP C 313 20.33 -15.40 -15.59
N ALA C 314 19.94 -16.04 -14.49
CA ALA C 314 19.31 -17.36 -14.60
C ALA C 314 18.00 -17.27 -15.39
N LEU C 315 17.19 -16.25 -15.13
CA LEU C 315 15.95 -16.08 -15.87
C LEU C 315 16.22 -15.83 -17.35
N LYS C 316 17.25 -15.03 -17.65
CA LYS C 316 17.61 -14.77 -19.03
C LYS C 316 18.01 -16.07 -19.73
N LEU C 317 18.79 -16.92 -19.07
CA LEU C 317 19.14 -18.21 -19.65
C LEU C 317 17.90 -19.09 -19.83
N ALA C 318 17.02 -19.11 -18.83
CA ALA C 318 15.85 -19.98 -18.90
C ALA C 318 14.92 -19.57 -20.03
N ASN C 319 14.78 -18.27 -20.27
CA ASN C 319 13.86 -17.81 -21.30
C ASN C 319 14.26 -18.29 -22.69
N GLU C 320 15.52 -18.69 -22.89
CA GLU C 320 16.00 -19.14 -24.19
C GLU C 320 15.91 -20.65 -24.35
N GLY C 321 15.37 -21.36 -23.38
CA GLY C 321 15.29 -22.80 -23.43
C GLY C 321 16.53 -23.53 -22.97
N LYS C 322 17.58 -22.80 -22.58
CA LYS C 322 18.82 -23.42 -22.10
C LYS C 322 18.68 -23.74 -20.61
N VAL C 323 17.87 -24.76 -20.34
CA VAL C 323 17.64 -25.16 -18.96
C VAL C 323 18.92 -25.64 -18.30
N LYS C 324 19.72 -26.43 -19.03
CA LYS C 324 20.97 -26.93 -18.46
C LYS C 324 21.87 -25.78 -18.01
N GLU C 325 22.02 -24.76 -18.86
CA GLU C 325 22.82 -23.60 -18.48
C GLU C 325 22.21 -22.89 -17.27
N ALA C 326 20.89 -22.75 -17.24
CA ALA C 326 20.23 -22.09 -16.13
C ALA C 326 20.41 -22.84 -14.83
N GLN C 327 20.68 -24.15 -14.89
CA GLN C 327 20.96 -24.90 -13.67
C GLN C 327 22.25 -24.45 -13.01
N ALA C 328 23.25 -24.07 -13.82
CA ALA C 328 24.53 -23.64 -13.25
C ALA C 328 24.37 -22.40 -12.39
N ALA C 329 23.54 -21.45 -12.83
CA ALA C 329 23.30 -20.26 -12.03
C ALA C 329 22.70 -20.62 -10.67
N ALA C 330 21.91 -21.70 -10.61
CA ALA C 330 21.37 -22.13 -9.34
C ALA C 330 22.49 -22.43 -8.34
N GLU C 331 23.49 -23.20 -8.77
CA GLU C 331 24.64 -23.46 -7.90
C GLU C 331 25.42 -22.18 -7.63
N GLN C 332 25.59 -21.33 -8.63
CA GLN C 332 26.32 -20.07 -8.44
C GLN C 332 25.67 -19.22 -7.36
N LEU C 333 24.35 -19.29 -7.22
CA LEU C 333 23.65 -18.43 -6.27
C LEU C 333 24.04 -18.73 -4.83
N LYS C 334 24.50 -19.95 -4.54
CA LYS C 334 24.80 -20.33 -3.16
C LYS C 334 25.98 -19.53 -2.60
N THR C 335 26.98 -19.24 -3.44
CA THR C 335 28.13 -18.49 -2.97
C THR C 335 27.72 -17.11 -2.49
N THR C 336 26.80 -16.46 -3.21
CA THR C 336 26.29 -15.17 -2.76
C THR C 336 25.33 -15.34 -1.58
N ARG C 337 24.58 -16.43 -1.54
CA ARG C 337 23.60 -16.60 -0.46
C ARG C 337 24.30 -16.73 0.88
N ASN C 338 25.42 -17.45 0.92
CA ASN C 338 26.07 -17.80 2.18
C ASN C 338 27.08 -16.76 2.65
N ALA C 339 27.24 -15.64 1.94
CA ALA C 339 28.24 -14.64 2.28
C ALA C 339 27.66 -13.46 3.05
N TYR C 340 26.67 -12.77 2.47
CA TYR C 340 26.19 -11.51 3.03
C TYR C 340 24.96 -11.67 3.92
N ILE C 341 24.19 -12.74 3.78
CA ILE C 341 22.85 -12.81 4.33
C ILE C 341 22.77 -13.76 5.51
N GLN C 342 23.42 -14.93 5.44
CA GLN C 342 23.32 -15.88 6.56
C GLN C 342 23.90 -15.29 7.83
N LYS C 343 25.06 -14.63 7.73
CA LYS C 343 25.65 -14.01 8.92
C LYS C 343 24.75 -12.91 9.47
N TYR C 344 24.13 -12.14 8.58
CA TYR C 344 23.21 -11.10 9.03
C TYR C 344 22.03 -11.70 9.76
N LEU C 345 21.48 -12.82 9.26
CA LEU C 345 20.37 -13.47 9.94
C LEU C 345 20.78 -13.97 11.32
N GLU C 346 21.96 -14.60 11.41
CA GLU C 346 22.43 -15.08 12.70
C GLU C 346 22.60 -13.94 13.69
N ARG C 347 23.21 -12.84 13.22
CA ARG C 347 23.43 -11.69 14.10
C ARG C 347 22.10 -11.09 14.54
N ALA C 348 21.14 -10.96 13.63
CA ALA C 348 19.85 -10.40 13.99
C ALA C 348 19.15 -11.27 15.01
N ARG C 349 19.16 -12.59 14.80
CA ARG C 349 18.52 -13.50 15.75
C ARG C 349 19.18 -13.39 17.12
N SER C 350 20.52 -13.38 17.17
CA SER C 350 21.21 -13.31 18.45
C SER C 350 20.93 -12.01 19.17
N THR C 351 20.98 -10.88 18.44
CA THR C 351 20.70 -9.59 19.07
C THR C 351 19.27 -9.53 19.58
N LEU C 352 18.31 -10.00 18.79
CA LEU C 352 16.93 -10.02 19.24
C LEU C 352 16.77 -10.89 20.48
N ALA C 353 17.45 -12.03 20.52
CA ALA C 353 17.38 -12.88 21.71
C ALA C 353 17.96 -12.16 22.92
N ALA C 354 19.07 -11.44 22.74
CA ALA C 354 19.68 -10.74 23.87
C ALA C 354 18.76 -9.66 24.41
N VAL C 355 18.22 -8.81 23.53
CA VAL C 355 17.34 -7.75 24.00
C VAL C 355 16.06 -8.33 24.58
N ALA C 356 15.56 -9.45 24.02
CA ALA C 356 14.39 -10.09 24.59
C ALA C 356 14.68 -10.61 25.99
N LYS C 357 15.88 -11.16 26.20
CA LYS C 357 16.24 -11.62 27.54
C LYS C 357 16.30 -10.46 28.52
N THR C 358 16.90 -9.34 28.11
CA THR C 358 16.95 -8.18 29.01
C THR C 358 15.54 -7.66 29.31
N VAL C 359 14.68 -7.61 28.29
CA VAL C 359 13.31 -7.14 28.49
C VAL C 359 12.56 -8.10 29.40
N ARG C 360 12.81 -9.40 29.27
CA ARG C 360 12.18 -10.37 30.15
C ARG C 360 12.65 -10.19 31.59
N MET C 361 13.94 -9.90 31.78
CA MET C 361 14.43 -9.62 33.12
C MET C 361 13.74 -8.40 33.72
N THR C 362 13.64 -7.33 32.93
CA THR C 362 12.98 -6.12 33.43
C THR C 362 11.51 -6.39 33.72
N LEU C 363 10.85 -7.16 32.87
CA LEU C 363 9.44 -7.49 33.10
C LEU C 363 9.27 -8.32 34.35
N VAL C 364 10.18 -9.26 34.60
CA VAL C 364 10.10 -10.07 35.82
C VAL C 364 10.29 -9.18 37.05
N ILE C 365 11.26 -8.27 37.00
CA ILE C 365 11.49 -7.37 38.12
C ILE C 365 10.24 -6.53 38.37
N VAL C 366 9.64 -6.02 37.30
CA VAL C 366 8.44 -5.19 37.44
C VAL C 366 7.29 -5.99 38.02
N VAL C 367 7.10 -7.22 37.53
CA VAL C 367 6.00 -8.06 38.01
C VAL C 367 6.17 -8.36 39.49
N VAL C 368 7.39 -8.73 39.90
CA VAL C 368 7.64 -8.99 41.31
C VAL C 368 7.43 -7.72 42.14
N TYR C 369 7.92 -6.59 41.63
CA TYR C 369 7.72 -5.30 42.30
C TYR C 369 6.25 -5.06 42.57
N VAL C 370 5.42 -5.19 41.54
CA VAL C 370 3.99 -4.89 41.69
C VAL C 370 3.35 -5.89 42.63
N LEU C 371 3.60 -7.18 42.42
CA LEU C 371 2.93 -8.20 43.22
C LEU C 371 3.36 -8.17 44.68
N CYS C 372 4.52 -7.63 44.99
CA CYS C 372 5.00 -7.57 46.37
C CYS C 372 4.68 -6.26 47.06
N TRP C 373 4.56 -5.15 46.32
CA TRP C 373 4.25 -3.87 46.92
C TRP C 373 2.76 -3.55 46.93
N ALA C 374 2.00 -3.99 45.93
CA ALA C 374 0.56 -3.73 45.93
C ALA C 374 -0.13 -4.25 47.17
N PRO C 375 0.15 -5.46 47.66
CA PRO C 375 -0.54 -5.92 48.88
C PRO C 375 -0.35 -4.98 50.07
N PHE C 376 0.76 -4.26 50.12
CA PHE C 376 1.04 -3.35 51.23
C PHE C 376 0.43 -1.97 51.01
N PHE C 377 0.61 -1.41 49.81
CA PHE C 377 0.05 -0.09 49.53
C PHE C 377 -1.48 -0.12 49.55
N LEU C 378 -2.07 -1.20 49.03
CA LEU C 378 -3.52 -1.28 48.98
C LEU C 378 -4.13 -1.27 50.37
N VAL C 379 -3.48 -1.94 51.34
CA VAL C 379 -4.02 -1.97 52.69
C VAL C 379 -4.11 -0.57 53.27
N GLN C 380 -3.05 0.21 53.07
CA GLN C 380 -3.02 1.58 53.57
C GLN C 380 -4.09 2.36 52.86
N LEU C 381 -4.13 2.26 51.54
CA LEU C 381 -5.09 3.03 50.76
C LEU C 381 -6.52 2.73 51.19
N TRP C 382 -6.79 1.49 51.60
CA TRP C 382 -8.13 1.06 51.95
C TRP C 382 -8.49 1.31 53.41
N ALA C 383 -7.49 1.48 54.29
CA ALA C 383 -7.76 1.62 55.72
C ALA C 383 -7.13 2.87 56.33
N ALA C 384 -6.67 3.82 55.53
CA ALA C 384 -6.05 5.03 56.06
C ALA C 384 -7.04 6.18 56.22
N TRP C 385 -8.29 5.99 55.81
CA TRP C 385 -9.29 7.05 55.90
C TRP C 385 -10.04 7.07 57.23
N ASP C 386 -9.84 6.06 58.08
CA ASP C 386 -10.55 5.98 59.35
C ASP C 386 -12.05 6.15 59.15
N ALA C 389 -12.56 4.38 55.87
CA ALA C 389 -12.00 3.09 56.25
C ALA C 389 -13.01 2.30 57.06
N PRO C 390 -13.16 1.00 56.78
CA PRO C 390 -14.15 0.21 57.53
C PRO C 390 -13.71 -0.12 58.94
N LEU C 391 -12.44 -0.50 59.13
CA LEU C 391 -11.95 -0.93 60.43
C LEU C 391 -10.46 -0.64 60.53
N GLU C 392 -9.81 -1.22 61.53
CA GLU C 392 -8.38 -1.06 61.75
C GLU C 392 -7.63 -2.21 61.10
N GLY C 393 -6.61 -1.89 60.31
CA GLY C 393 -5.82 -2.88 59.62
C GLY C 393 -4.67 -3.41 60.47
N ALA C 394 -4.99 -4.25 61.45
CA ALA C 394 -4.00 -4.71 62.42
C ALA C 394 -2.72 -5.25 61.77
N PRO C 395 -2.78 -6.12 60.76
CA PRO C 395 -1.53 -6.66 60.18
C PRO C 395 -0.78 -5.58 59.41
N PHE C 396 0.40 -5.23 59.91
CA PHE C 396 1.24 -4.21 59.29
C PHE C 396 2.63 -4.72 58.93
N VAL C 397 3.26 -5.50 59.80
CA VAL C 397 4.66 -5.87 59.60
C VAL C 397 4.80 -6.83 58.42
N LEU C 398 3.91 -7.82 58.33
CA LEU C 398 4.08 -8.88 57.33
C LEU C 398 3.99 -8.31 55.91
N LEU C 399 3.06 -7.38 55.67
CA LEU C 399 2.93 -6.80 54.34
C LEU C 399 4.19 -6.04 53.94
N MET C 400 4.76 -5.26 54.86
CA MET C 400 5.98 -4.52 54.55
C MET C 400 7.15 -5.47 54.34
N LEU C 401 7.22 -6.56 55.10
CA LEU C 401 8.26 -7.55 54.88
C LEU C 401 8.12 -8.19 53.51
N LEU C 402 6.89 -8.52 53.12
CA LEU C 402 6.66 -9.06 51.78
C LEU C 402 7.09 -8.05 50.72
N ALA C 403 6.84 -6.77 50.96
CA ALA C 403 7.30 -5.74 50.03
C ALA C 403 8.82 -5.74 49.92
N SER C 404 9.51 -5.82 51.06
CA SER C 404 10.97 -5.83 51.04
C SER C 404 11.53 -7.10 50.41
N LEU C 405 10.73 -8.18 50.36
CA LEU C 405 11.17 -9.38 49.68
C LEU C 405 11.51 -9.09 48.22
N ASN C 406 10.84 -8.10 47.61
CA ASN C 406 11.17 -7.71 46.25
C ASN C 406 12.60 -7.20 46.14
N SER C 407 13.00 -6.32 47.06
CA SER C 407 14.38 -5.85 47.08
C SER C 407 15.33 -6.99 47.37
N CYS C 408 14.90 -7.95 48.18
CA CYS C 408 15.73 -9.12 48.46
C CYS C 408 15.98 -9.93 47.20
N THR C 409 14.96 -10.07 46.35
CA THR C 409 15.03 -10.98 45.22
C THR C 409 15.46 -10.32 43.91
N ASN C 410 15.59 -9.00 43.85
CA ASN C 410 16.12 -8.39 42.63
C ASN C 410 17.50 -8.91 42.24
N PRO C 411 18.49 -8.97 43.12
CA PRO C 411 19.83 -9.42 42.67
C PRO C 411 19.82 -10.84 42.14
N TRP C 412 19.03 -11.72 42.75
CA TRP C 412 18.92 -13.09 42.23
C TRP C 412 18.32 -13.10 40.84
N ILE C 413 17.29 -12.29 40.60
CA ILE C 413 16.70 -12.21 39.28
C ILE C 413 17.74 -11.76 38.26
N TYR C 414 18.50 -10.72 38.61
CA TYR C 414 19.51 -10.23 37.67
C TYR C 414 20.55 -11.29 37.39
N ALA C 415 21.06 -11.95 38.43
CA ALA C 415 22.09 -12.97 38.23
C ALA C 415 21.58 -14.12 37.38
N SER C 416 20.35 -14.57 37.65
CA SER C 416 19.77 -15.64 36.84
C SER C 416 19.64 -15.21 35.38
N PHE C 417 19.25 -13.96 35.15
CA PHE C 417 19.05 -13.45 33.80
C PHE C 417 20.31 -12.88 33.17
N SER C 418 21.44 -12.90 33.88
CA SER C 418 22.70 -12.36 33.38
C SER C 418 23.74 -13.46 33.31
N SER C 419 24.37 -13.59 32.14
CA SER C 419 25.44 -14.58 31.98
C SER C 419 26.73 -14.12 32.62
N SER C 420 26.97 -12.81 32.70
CA SER C 420 28.19 -12.31 33.34
C SER C 420 28.24 -12.70 34.80
N VAL C 421 27.12 -12.55 35.51
CA VAL C 421 27.08 -12.90 36.93
C VAL C 421 26.86 -14.39 37.12
N SER C 422 26.17 -15.04 36.18
CA SER C 422 25.96 -16.49 36.30
C SER C 422 27.29 -17.23 36.25
N SER C 423 28.19 -16.81 35.38
CA SER C 423 29.52 -17.42 35.29
C SER C 423 30.37 -17.16 36.52
N GLU C 424 29.94 -16.24 37.39
CA GLU C 424 30.67 -15.95 38.63
C GLU C 424 30.34 -16.97 39.70
N LEU C 425 30.51 -18.27 39.39
CA LEU C 425 30.25 -19.30 40.37
C LEU C 425 31.32 -19.31 41.46
N ARG C 426 32.58 -19.11 41.08
CA ARG C 426 33.69 -19.13 42.02
C ARG C 426 34.00 -17.71 42.47
N SER C 427 33.93 -17.48 43.78
CA SER C 427 34.19 -16.17 44.35
C SER C 427 35.54 -16.15 45.08
#